data_477D
# 
_entry.id   477D 
# 
_audit_conform.dict_name       mmcif_pdbx.dic 
_audit_conform.dict_version    5.387 
_audit_conform.dict_location   http://mmcif.pdb.org/dictionaries/ascii/mmcif_pdbx.dic 
# 
loop_
_database_2.database_id 
_database_2.database_code 
_database_2.pdbx_database_accession 
_database_2.pdbx_DOI 
PDB   477D         pdb_0000477d 10.2210/pdb477d/pdb 
NDB   BD0019       ?            ?                   
RCSB  RCSB009236   ?            ?                   
WWPDB D_1000009236 ?            ?                   
# 
loop_
_pdbx_audit_revision_history.ordinal 
_pdbx_audit_revision_history.data_content_type 
_pdbx_audit_revision_history.major_revision 
_pdbx_audit_revision_history.minor_revision 
_pdbx_audit_revision_history.revision_date 
1 'Structure model' 1 0 1999-07-19 
2 'Structure model' 1 1 2008-04-27 
3 'Structure model' 1 2 2011-07-13 
4 'Structure model' 1 3 2011-11-16 
5 'Structure model' 1 4 2024-02-28 
# 
_pdbx_audit_revision_details.ordinal             1 
_pdbx_audit_revision_details.revision_ordinal    1 
_pdbx_audit_revision_details.data_content_type   'Structure model' 
_pdbx_audit_revision_details.provider            repository 
_pdbx_audit_revision_details.type                'Initial release' 
_pdbx_audit_revision_details.description         ? 
_pdbx_audit_revision_details.details             ? 
# 
loop_
_pdbx_audit_revision_group.ordinal 
_pdbx_audit_revision_group.revision_ordinal 
_pdbx_audit_revision_group.data_content_type 
_pdbx_audit_revision_group.group 
1 2 'Structure model' 'Version format compliance' 
2 3 'Structure model' 'Version format compliance' 
3 4 'Structure model' 'Atomic model'              
4 5 'Structure model' 'Data collection'           
5 5 'Structure model' 'Database references'       
6 5 'Structure model' 'Derived calculations'      
# 
loop_
_pdbx_audit_revision_category.ordinal 
_pdbx_audit_revision_category.revision_ordinal 
_pdbx_audit_revision_category.data_content_type 
_pdbx_audit_revision_category.category 
1 5 'Structure model' chem_comp_atom         
2 5 'Structure model' chem_comp_bond         
3 5 'Structure model' database_2             
4 5 'Structure model' pdbx_struct_conn_angle 
5 5 'Structure model' struct_conn            
6 5 'Structure model' struct_site            
# 
loop_
_pdbx_audit_revision_item.ordinal 
_pdbx_audit_revision_item.revision_ordinal 
_pdbx_audit_revision_item.data_content_type 
_pdbx_audit_revision_item.item 
1  5 'Structure model' '_database_2.pdbx_DOI'                        
2  5 'Structure model' '_database_2.pdbx_database_accession'         
3  5 'Structure model' '_pdbx_struct_conn_angle.ptnr1_auth_asym_id'  
4  5 'Structure model' '_pdbx_struct_conn_angle.ptnr1_auth_comp_id'  
5  5 'Structure model' '_pdbx_struct_conn_angle.ptnr1_auth_seq_id'   
6  5 'Structure model' '_pdbx_struct_conn_angle.ptnr1_label_asym_id' 
7  5 'Structure model' '_pdbx_struct_conn_angle.ptnr1_label_atom_id' 
8  5 'Structure model' '_pdbx_struct_conn_angle.ptnr1_label_comp_id' 
9  5 'Structure model' '_pdbx_struct_conn_angle.ptnr1_label_seq_id'  
10 5 'Structure model' '_pdbx_struct_conn_angle.ptnr1_symmetry'      
11 5 'Structure model' '_pdbx_struct_conn_angle.ptnr2_auth_asym_id'  
12 5 'Structure model' '_pdbx_struct_conn_angle.ptnr2_auth_seq_id'   
13 5 'Structure model' '_pdbx_struct_conn_angle.ptnr2_label_asym_id' 
14 5 'Structure model' '_pdbx_struct_conn_angle.ptnr3_auth_asym_id'  
15 5 'Structure model' '_pdbx_struct_conn_angle.ptnr3_auth_comp_id'  
16 5 'Structure model' '_pdbx_struct_conn_angle.ptnr3_auth_seq_id'   
17 5 'Structure model' '_pdbx_struct_conn_angle.ptnr3_label_asym_id' 
18 5 'Structure model' '_pdbx_struct_conn_angle.ptnr3_label_atom_id' 
19 5 'Structure model' '_pdbx_struct_conn_angle.ptnr3_label_comp_id' 
20 5 'Structure model' '_pdbx_struct_conn_angle.ptnr3_label_seq_id'  
21 5 'Structure model' '_pdbx_struct_conn_angle.ptnr3_symmetry'      
22 5 'Structure model' '_pdbx_struct_conn_angle.value'               
23 5 'Structure model' '_struct_conn.pdbx_dist_value'                
24 5 'Structure model' '_struct_conn.ptnr1_auth_asym_id'             
25 5 'Structure model' '_struct_conn.ptnr1_auth_comp_id'             
26 5 'Structure model' '_struct_conn.ptnr1_auth_seq_id'              
27 5 'Structure model' '_struct_conn.ptnr1_label_asym_id'            
28 5 'Structure model' '_struct_conn.ptnr1_label_atom_id'            
29 5 'Structure model' '_struct_conn.ptnr1_label_comp_id'            
30 5 'Structure model' '_struct_conn.ptnr1_label_seq_id'             
31 5 'Structure model' '_struct_conn.ptnr1_symmetry'                 
32 5 'Structure model' '_struct_conn.ptnr2_auth_asym_id'             
33 5 'Structure model' '_struct_conn.ptnr2_auth_comp_id'             
34 5 'Structure model' '_struct_conn.ptnr2_auth_seq_id'              
35 5 'Structure model' '_struct_conn.ptnr2_label_asym_id'            
36 5 'Structure model' '_struct_conn.ptnr2_label_atom_id'            
37 5 'Structure model' '_struct_conn.ptnr2_label_comp_id'            
38 5 'Structure model' '_struct_conn.ptnr2_label_seq_id'             
39 5 'Structure model' '_struct_conn.ptnr2_symmetry'                 
40 5 'Structure model' '_struct_site.pdbx_auth_asym_id'              
41 5 'Structure model' '_struct_site.pdbx_auth_comp_id'              
42 5 'Structure model' '_struct_site.pdbx_auth_seq_id'               
# 
_pdbx_database_status.status_code                     REL 
_pdbx_database_status.entry_id                        477D 
_pdbx_database_status.recvd_initial_deposition_date   1999-06-25 
_pdbx_database_status.deposit_site                    NDB 
_pdbx_database_status.process_site                    NDB 
_pdbx_database_status.status_code_sf                  REL 
_pdbx_database_status.SG_entry                        . 
_pdbx_database_status.pdb_format_compatible           Y 
_pdbx_database_status.status_code_mr                  ? 
_pdbx_database_status.status_code_cs                  ? 
_pdbx_database_status.status_code_nmr_data            ? 
_pdbx_database_status.methods_development_category    ? 
# 
loop_
_audit_author.name 
_audit_author.pdbx_ordinal 
'Minasov, G.'  1 
'Tereshko, V.' 2 
'Egli, M.'     3 
# 
_citation.id                        primary 
_citation.title                     
'Atomic-resolution crystal structures of B-DNA reveal specific influences of divalent metal ions on conformation and packing.' 
_citation.journal_abbrev            J.Mol.Biol. 
_citation.journal_volume            291 
_citation.page_first                83 
_citation.page_last                 99 
_citation.year                      1999 
_citation.journal_id_ASTM           JMOBAK 
_citation.country                   UK 
_citation.journal_id_ISSN           0022-2836 
_citation.journal_id_CSD            0070 
_citation.book_publisher            ? 
_citation.pdbx_database_id_PubMed   10438608 
_citation.pdbx_database_id_DOI      10.1006/jmbi.1999.2934 
# 
loop_
_citation_author.citation_id 
_citation_author.name 
_citation_author.ordinal 
_citation_author.identifier_ORCID 
primary 'Minasov, G.'  1 ? 
primary 'Tereshko, V.' 2 ? 
primary 'Egli, M.'     3 ? 
# 
loop_
_entity.id 
_entity.type 
_entity.src_method 
_entity.pdbx_description 
_entity.formula_weight 
_entity.pdbx_number_of_molecules 
_entity.pdbx_ec 
_entity.pdbx_mutation 
_entity.pdbx_fragment 
_entity.details 
1 polymer     syn "5'-D(*GP*GP*CP*GP*AP*AP*TP*TP*CP*GP*CP*G)-3'" 3703.416 2   ? ? ? ? 
2 non-polymer syn 'CALCIUM ION'                                  40.078   4   ? ? ? ? 
3 water       nat water                                          18.015   144 ? ? ? ? 
# 
_entity_poly.entity_id                      1 
_entity_poly.type                           polydeoxyribonucleotide 
_entity_poly.nstd_linkage                   no 
_entity_poly.nstd_monomer                   no 
_entity_poly.pdbx_seq_one_letter_code       '(DG)(DG)(DC)(DG)(DA)(DA)(DT)(DT)(DC)(DG)(DC)(DG)' 
_entity_poly.pdbx_seq_one_letter_code_can   GGCGAATTCGCG 
_entity_poly.pdbx_strand_id                 A,B 
_entity_poly.pdbx_target_identifier         ? 
# 
loop_
_pdbx_entity_nonpoly.entity_id 
_pdbx_entity_nonpoly.name 
_pdbx_entity_nonpoly.comp_id 
2 'CALCIUM ION' CA  
3 water         HOH 
# 
loop_
_entity_poly_seq.entity_id 
_entity_poly_seq.num 
_entity_poly_seq.mon_id 
_entity_poly_seq.hetero 
1 1  DG n 
1 2  DG n 
1 3  DC n 
1 4  DG n 
1 5  DA n 
1 6  DA n 
1 7  DT n 
1 8  DT n 
1 9  DC n 
1 10 DG n 
1 11 DC n 
1 12 DG n 
# 
loop_
_chem_comp.id 
_chem_comp.type 
_chem_comp.mon_nstd_flag 
_chem_comp.name 
_chem_comp.pdbx_synonyms 
_chem_comp.formula 
_chem_comp.formula_weight 
CA  non-polymer   . 'CALCIUM ION'                        ? 'Ca 2'            40.078  
DA  'DNA linking' y "2'-DEOXYADENOSINE-5'-MONOPHOSPHATE" ? 'C10 H14 N5 O6 P' 331.222 
DC  'DNA linking' y "2'-DEOXYCYTIDINE-5'-MONOPHOSPHATE"  ? 'C9 H14 N3 O7 P'  307.197 
DG  'DNA linking' y "2'-DEOXYGUANOSINE-5'-MONOPHOSPHATE" ? 'C10 H14 N5 O7 P' 347.221 
DT  'DNA linking' y "THYMIDINE-5'-MONOPHOSPHATE"         ? 'C10 H15 N2 O8 P' 322.208 
HOH non-polymer   . WATER                                ? 'H2 O'            18.015  
# 
loop_
_pdbx_poly_seq_scheme.asym_id 
_pdbx_poly_seq_scheme.entity_id 
_pdbx_poly_seq_scheme.seq_id 
_pdbx_poly_seq_scheme.mon_id 
_pdbx_poly_seq_scheme.ndb_seq_num 
_pdbx_poly_seq_scheme.pdb_seq_num 
_pdbx_poly_seq_scheme.auth_seq_num 
_pdbx_poly_seq_scheme.pdb_mon_id 
_pdbx_poly_seq_scheme.auth_mon_id 
_pdbx_poly_seq_scheme.pdb_strand_id 
_pdbx_poly_seq_scheme.pdb_ins_code 
_pdbx_poly_seq_scheme.hetero 
A 1 1  DG 1  1  1  DG G A . n 
A 1 2  DG 2  2  2  DG G A . n 
A 1 3  DC 3  3  3  DC C A . n 
A 1 4  DG 4  4  4  DG G A . n 
A 1 5  DA 5  5  5  DA A A . n 
A 1 6  DA 6  6  6  DA A A . n 
A 1 7  DT 7  7  7  DT T A . n 
A 1 8  DT 8  8  8  DT T A . n 
A 1 9  DC 9  9  9  DC C A . n 
A 1 10 DG 10 10 10 DG G A . n 
A 1 11 DC 11 11 11 DC C A . n 
A 1 12 DG 12 12 12 DG G A . n 
B 1 1  DG 1  13 13 DG G B . n 
B 1 2  DG 2  14 14 DG G B . n 
B 1 3  DC 3  15 15 DC C B . n 
B 1 4  DG 4  16 16 DG G B . n 
B 1 5  DA 5  17 17 DA A B . n 
B 1 6  DA 6  18 18 DA A B . n 
B 1 7  DT 7  19 19 DT T B . n 
B 1 8  DT 8  20 20 DT T B . n 
B 1 9  DC 9  21 21 DC C B . n 
B 1 10 DG 10 22 22 DG G B . n 
B 1 11 DC 11 23 23 DC C B . n 
B 1 12 DG 12 24 24 DG G B . n 
# 
loop_
_pdbx_nonpoly_scheme.asym_id 
_pdbx_nonpoly_scheme.entity_id 
_pdbx_nonpoly_scheme.mon_id 
_pdbx_nonpoly_scheme.ndb_seq_num 
_pdbx_nonpoly_scheme.pdb_seq_num 
_pdbx_nonpoly_scheme.auth_seq_num 
_pdbx_nonpoly_scheme.pdb_mon_id 
_pdbx_nonpoly_scheme.auth_mon_id 
_pdbx_nonpoly_scheme.pdb_strand_id 
_pdbx_nonpoly_scheme.pdb_ins_code 
C 2 CA  1  112 112 CA  CA  A . 
D 2 CA  1  120 120 CA  CA  A . 
E 2 CA  1  101 101 CA  CA  B . 
F 2 CA  1  146 146 CA  CA  B . 
G 3 HOH 1  114 114 HOH HOH A . 
G 3 HOH 2  115 115 HOH HOH A . 
G 3 HOH 3  116 116 HOH HOH A . 
G 3 HOH 4  117 117 HOH HOH A . 
G 3 HOH 5  118 118 HOH HOH A . 
G 3 HOH 6  119 119 HOH HOH A . 
G 3 HOH 7  121 121 HOH HOH A . 
G 3 HOH 8  124 124 HOH HOH A . 
G 3 HOH 9  128 128 HOH HOH A . 
G 3 HOH 10 131 131 HOH HOH A . 
G 3 HOH 11 134 134 HOH HOH A . 
G 3 HOH 12 135 135 HOH HOH A . 
G 3 HOH 13 137 137 HOH HOH A . 
G 3 HOH 14 140 140 HOH HOH A . 
G 3 HOH 15 142 142 HOH HOH A . 
G 3 HOH 16 143 143 HOH HOH A . 
G 3 HOH 17 144 144 HOH HOH A . 
G 3 HOH 18 145 145 HOH HOH A . 
G 3 HOH 19 147 147 HOH HOH A . 
G 3 HOH 20 148 148 HOH HOH A . 
G 3 HOH 21 150 150 HOH HOH A . 
G 3 HOH 22 151 151 HOH HOH A . 
G 3 HOH 23 152 152 HOH HOH A . 
G 3 HOH 24 154 154 HOH HOH A . 
G 3 HOH 25 159 159 HOH HOH A . 
G 3 HOH 26 161 161 HOH HOH A . 
G 3 HOH 27 165 165 HOH HOH A . 
G 3 HOH 28 166 166 HOH HOH A . 
G 3 HOH 29 167 167 HOH HOH A . 
G 3 HOH 30 173 173 HOH HOH A . 
G 3 HOH 31 176 176 HOH HOH A . 
G 3 HOH 32 178 178 HOH HOH A . 
G 3 HOH 33 183 183 HOH HOH A . 
G 3 HOH 34 187 187 HOH HOH A . 
G 3 HOH 35 188 188 HOH HOH A . 
G 3 HOH 36 196 196 HOH HOH A . 
G 3 HOH 37 197 197 HOH HOH A . 
G 3 HOH 38 199 199 HOH HOH A . 
G 3 HOH 39 200 200 HOH HOH A . 
G 3 HOH 40 203 203 HOH HOH A . 
G 3 HOH 41 205 205 HOH HOH A . 
G 3 HOH 42 211 211 HOH HOH A . 
G 3 HOH 43 213 213 HOH HOH A . 
G 3 HOH 44 215 215 HOH HOH A . 
G 3 HOH 45 217 217 HOH HOH A . 
G 3 HOH 46 218 218 HOH HOH A . 
G 3 HOH 47 221 221 HOH HOH A . 
G 3 HOH 48 225 225 HOH HOH A . 
G 3 HOH 49 228 228 HOH HOH A . 
G 3 HOH 50 233 233 HOH HOH A . 
G 3 HOH 51 237 237 HOH HOH A . 
G 3 HOH 52 239 239 HOH HOH A . 
G 3 HOH 53 240 240 HOH HOH A . 
G 3 HOH 54 241 241 HOH HOH A . 
G 3 HOH 55 242 242 HOH HOH A . 
G 3 HOH 56 243 243 HOH HOH A . 
G 3 HOH 57 246 246 HOH HOH A . 
G 3 HOH 58 248 248 HOH HOH A . 
G 3 HOH 59 249 249 HOH HOH A . 
G 3 HOH 60 250 250 HOH HOH A . 
G 3 HOH 61 256 256 HOH HOH A . 
G 3 HOH 62 260 260 HOH HOH A . 
G 3 HOH 63 263 263 HOH HOH A . 
G 3 HOH 64 264 264 HOH HOH A . 
G 3 HOH 65 265 265 HOH HOH A . 
G 3 HOH 66 267 267 HOH HOH A . 
G 3 HOH 67 268 268 HOH HOH A . 
G 3 HOH 68 272 272 HOH HOH A . 
G 3 HOH 69 274 274 HOH HOH A . 
G 3 HOH 70 275 275 HOH HOH A . 
G 3 HOH 71 276 276 HOH HOH A . 
G 3 HOH 72 277 277 HOH HOH A . 
G 3 HOH 73 279 279 HOH HOH A . 
G 3 HOH 74 280 280 HOH HOH A . 
G 3 HOH 75 284 284 HOH HOH A . 
G 3 HOH 76 291 291 HOH HOH A . 
G 3 HOH 77 294 294 HOH HOH A . 
G 3 HOH 78 299 299 HOH HOH A . 
G 3 HOH 79 302 302 HOH HOH A . 
G 3 HOH 80 303 303 HOH HOH A . 
G 3 HOH 81 304 304 HOH HOH A . 
G 3 HOH 82 305 305 HOH HOH A . 
H 3 HOH 1  102 102 HOH HOH B . 
H 3 HOH 2  106 106 HOH HOH B . 
H 3 HOH 3  113 113 HOH HOH B . 
H 3 HOH 4  123 123 HOH HOH B . 
H 3 HOH 5  126 126 HOH HOH B . 
H 3 HOH 6  130 130 HOH HOH B . 
H 3 HOH 7  132 132 HOH HOH B . 
H 3 HOH 8  139 139 HOH HOH B . 
H 3 HOH 9  153 153 HOH HOH B . 
H 3 HOH 10 155 155 HOH HOH B . 
H 3 HOH 11 156 156 HOH HOH B . 
H 3 HOH 12 157 157 HOH HOH B . 
H 3 HOH 13 160 160 HOH HOH B . 
H 3 HOH 14 163 163 HOH HOH B . 
H 3 HOH 15 170 170 HOH HOH B . 
H 3 HOH 16 171 171 HOH HOH B . 
H 3 HOH 17 175 175 HOH HOH B . 
H 3 HOH 18 177 177 HOH HOH B . 
H 3 HOH 19 182 182 HOH HOH B . 
H 3 HOH 20 184 184 HOH HOH B . 
H 3 HOH 21 186 186 HOH HOH B . 
H 3 HOH 22 195 195 HOH HOH B . 
H 3 HOH 23 202 202 HOH HOH B . 
H 3 HOH 24 207 207 HOH HOH B . 
H 3 HOH 25 214 214 HOH HOH B . 
H 3 HOH 26 222 222 HOH HOH B . 
H 3 HOH 27 230 230 HOH HOH B . 
H 3 HOH 28 231 231 HOH HOH B . 
H 3 HOH 29 232 232 HOH HOH B . 
H 3 HOH 30 234 234 HOH HOH B . 
H 3 HOH 31 235 235 HOH HOH B . 
H 3 HOH 32 236 236 HOH HOH B . 
H 3 HOH 33 238 238 HOH HOH B . 
H 3 HOH 34 244 244 HOH HOH B . 
H 3 HOH 35 245 245 HOH HOH B . 
H 3 HOH 36 252 252 HOH HOH B . 
H 3 HOH 37 253 253 HOH HOH B . 
H 3 HOH 38 254 254 HOH HOH B . 
H 3 HOH 39 255 255 HOH HOH B . 
H 3 HOH 40 257 257 HOH HOH B . 
H 3 HOH 41 258 258 HOH HOH B . 
H 3 HOH 42 259 259 HOH HOH B . 
H 3 HOH 43 262 262 HOH HOH B . 
H 3 HOH 44 266 266 HOH HOH B . 
H 3 HOH 45 269 269 HOH HOH B . 
H 3 HOH 46 270 270 HOH HOH B . 
H 3 HOH 47 271 271 HOH HOH B . 
H 3 HOH 48 278 278 HOH HOH B . 
H 3 HOH 49 281 281 HOH HOH B . 
H 3 HOH 50 282 282 HOH HOH B . 
H 3 HOH 51 283 283 HOH HOH B . 
H 3 HOH 52 286 286 HOH HOH B . 
H 3 HOH 53 287 287 HOH HOH B . 
H 3 HOH 54 288 288 HOH HOH B . 
H 3 HOH 55 289 289 HOH HOH B . 
H 3 HOH 56 290 290 HOH HOH B . 
H 3 HOH 57 292 292 HOH HOH B . 
H 3 HOH 58 295 295 HOH HOH B . 
H 3 HOH 59 297 297 HOH HOH B . 
H 3 HOH 60 306 306 HOH HOH B . 
H 3 HOH 61 307 307 HOH HOH B . 
H 3 HOH 62 308 308 HOH HOH B . 
# 
loop_
_pdbx_unobs_or_zero_occ_atoms.id 
_pdbx_unobs_or_zero_occ_atoms.PDB_model_num 
_pdbx_unobs_or_zero_occ_atoms.polymer_flag 
_pdbx_unobs_or_zero_occ_atoms.occupancy_flag 
_pdbx_unobs_or_zero_occ_atoms.auth_asym_id 
_pdbx_unobs_or_zero_occ_atoms.auth_comp_id 
_pdbx_unobs_or_zero_occ_atoms.auth_seq_id 
_pdbx_unobs_or_zero_occ_atoms.PDB_ins_code 
_pdbx_unobs_or_zero_occ_atoms.auth_atom_id 
_pdbx_unobs_or_zero_occ_atoms.label_alt_id 
_pdbx_unobs_or_zero_occ_atoms.label_asym_id 
_pdbx_unobs_or_zero_occ_atoms.label_comp_id 
_pdbx_unobs_or_zero_occ_atoms.label_seq_id 
_pdbx_unobs_or_zero_occ_atoms.label_atom_id 
1  1 Y 1 A DG 1  ? "O5'" ? A DG 1 "O5'" 
2  1 Y 1 A DG 1  ? "C5'" ? A DG 1 "C5'" 
3  1 Y 1 A DG 1  ? "C4'" ? A DG 1 "C4'" 
4  1 Y 1 A DG 1  ? "O4'" ? A DG 1 "O4'" 
5  1 Y 1 A DG 1  ? "C3'" ? A DG 1 "C3'" 
6  1 Y 1 A DG 1  ? "C2'" ? A DG 1 "C2'" 
7  1 Y 1 A DG 1  ? "C1'" ? A DG 1 "C1'" 
8  1 Y 1 A DG 1  ? N9    ? A DG 1 N9    
9  1 Y 1 A DG 1  ? C8    ? A DG 1 C8    
10 1 Y 1 A DG 1  ? N7    ? A DG 1 N7    
11 1 Y 1 A DG 1  ? C5    ? A DG 1 C5    
12 1 Y 1 A DG 1  ? C6    ? A DG 1 C6    
13 1 Y 1 A DG 1  ? O6    ? A DG 1 O6    
14 1 Y 1 A DG 1  ? N1    ? A DG 1 N1    
15 1 Y 1 A DG 1  ? C2    ? A DG 1 C2    
16 1 Y 1 A DG 1  ? N2    ? A DG 1 N2    
17 1 Y 1 A DG 1  ? N3    ? A DG 1 N3    
18 1 Y 1 A DG 1  ? C4    ? A DG 1 C4    
19 1 Y 1 B DG 13 ? "O5'" ? B DG 1 "O5'" 
20 1 Y 1 B DG 13 ? "C5'" ? B DG 1 "C5'" 
21 1 Y 1 B DG 13 ? "C4'" ? B DG 1 "C4'" 
22 1 Y 1 B DG 13 ? "O4'" ? B DG 1 "O4'" 
23 1 Y 1 B DG 13 ? "C3'" ? B DG 1 "C3'" 
24 1 Y 1 B DG 13 ? "C2'" ? B DG 1 "C2'" 
25 1 Y 1 B DG 13 ? "C1'" ? B DG 1 "C1'" 
26 1 Y 1 B DG 13 ? N9    ? B DG 1 N9    
27 1 Y 1 B DG 13 ? C8    ? B DG 1 C8    
28 1 Y 1 B DG 13 ? N7    ? B DG 1 N7    
29 1 Y 1 B DG 13 ? C5    ? B DG 1 C5    
30 1 Y 1 B DG 13 ? C6    ? B DG 1 C6    
31 1 Y 1 B DG 13 ? O6    ? B DG 1 O6    
32 1 Y 1 B DG 13 ? N1    ? B DG 1 N1    
33 1 Y 1 B DG 13 ? C2    ? B DG 1 C2    
34 1 Y 1 B DG 13 ? N2    ? B DG 1 N2    
35 1 Y 1 B DG 13 ? N3    ? B DG 1 N3    
36 1 Y 1 B DG 13 ? C4    ? B DG 1 C4    
# 
loop_
_software.name 
_software.classification 
_software.version 
_software.citation_id 
_software.pdbx_ordinal 
AMoRE     phasing          . ? 1 
CNS       refinement       . ? 2 
DENZO     'data reduction' . ? 3 
SCALEPACK 'data scaling'   . ? 4 
# 
_cell.entry_id           477D 
_cell.length_a           41.990 
_cell.length_b           41.990 
_cell.length_c           99.550 
_cell.angle_alpha        90.00 
_cell.angle_beta         90.00 
_cell.angle_gamma        120.00 
_cell.Z_PDB              18 
_cell.pdbx_unique_axis   ? 
# 
_symmetry.entry_id                         477D 
_symmetry.space_group_name_H-M             'H 3' 
_symmetry.pdbx_full_space_group_name_H-M   ? 
_symmetry.cell_setting                     trigonal 
_symmetry.Int_Tables_number                146 
# 
_exptl.entry_id          477D 
_exptl.method            'X-RAY DIFFRACTION' 
_exptl.crystals_number   1 
# 
_exptl_crystal.id                    1 
_exptl_crystal.density_meas          ? 
_exptl_crystal.density_percent_sol   43.73 
_exptl_crystal.density_Matthews      2.19 
_exptl_crystal.description           ? 
# 
_exptl_crystal_grow.crystal_id      1 
_exptl_crystal_grow.method          'VAPOR DIFFUSION, SITTING DROP' 
_exptl_crystal_grow.temp            295 
_exptl_crystal_grow.temp_details    ? 
_exptl_crystal_grow.pH              6.9 
_exptl_crystal_grow.pdbx_details    
;SITTING DROPS CONTAIN 1.0 MM SINGLE STRAND OLIGONUCLEOTIDE,20 MM SODIUM CACODYLATE BUFFER PH 6.9, 10-40 MM CALCIUM CLORIDE,AGAINST RESERVOIR OF 40% MPD, VAPOR DIFFUSION, SITTING DROP, temperature 295K
;
_exptl_crystal_grow.pdbx_pH_range   ? 
# 
loop_
_exptl_crystal_grow_comp.crystal_id 
_exptl_crystal_grow_comp.id 
_exptl_crystal_grow_comp.sol_id 
_exptl_crystal_grow_comp.name 
_exptl_crystal_grow_comp.volume 
_exptl_crystal_grow_comp.conc 
_exptl_crystal_grow_comp.details 
1 1 1 'SODIUM CACODYLATE' ? ? ? 
1 2 1 CACL2               ? ? ? 
1 3 2 MPD                 ? ? ? 
# 
_diffrn.id                     1 
_diffrn.ambient_temp           120 
_diffrn.ambient_temp_details   ? 
_diffrn.crystal_id             1 
# 
_diffrn_detector.diffrn_id              1 
_diffrn_detector.detector               CCD 
_diffrn_detector.type                   MARRESEARCH 
_diffrn_detector.pdbx_collection_date   1998-05-31 
_diffrn_detector.details                ? 
# 
_diffrn_radiation.diffrn_id                        1 
_diffrn_radiation.wavelength_id                    1 
_diffrn_radiation.pdbx_monochromatic_or_laue_m_l   M 
_diffrn_radiation.monochromator                    ? 
_diffrn_radiation.pdbx_diffrn_protocol             'SINGLE WAVELENGTH' 
_diffrn_radiation.pdbx_scattering_type             x-ray 
# 
_diffrn_radiation_wavelength.id           1 
_diffrn_radiation_wavelength.wavelength   0.99503 
_diffrn_radiation_wavelength.wt           1.0 
# 
_diffrn_source.diffrn_id                   1 
_diffrn_source.source                      SYNCHROTRON 
_diffrn_source.type                        'APS BEAMLINE 5ID-B' 
_diffrn_source.pdbx_synchrotron_site       APS 
_diffrn_source.pdbx_synchrotron_beamline   5ID-B 
_diffrn_source.pdbx_wavelength             0.99503 
_diffrn_source.pdbx_wavelength_list        ? 
# 
_reflns.entry_id                     477D 
_reflns.observed_criterion_sigma_I   -3.0 
_reflns.observed_criterion_sigma_F   ? 
_reflns.d_resolution_low             23.0 
_reflns.d_resolution_high            1.70 
_reflns.number_obs                   7036 
_reflns.number_all                   7036 
_reflns.percent_possible_obs         99.4 
_reflns.pdbx_Rmerge_I_obs            0.0500000 
_reflns.pdbx_Rsym_value              ? 
_reflns.pdbx_netI_over_sigmaI        28.9 
_reflns.B_iso_Wilson_estimate        ? 
_reflns.pdbx_redundancy              5.5 
_reflns.R_free_details               ? 
_reflns.pdbx_diffrn_id               1 
_reflns.pdbx_ordinal                 1 
# 
_reflns_shell.d_res_high             1.70 
_reflns_shell.d_res_low              1.76 
_reflns_shell.percent_possible_all   98.9 
_reflns_shell.Rmerge_I_obs           0.3460000 
_reflns_shell.pdbx_Rsym_value        ? 
_reflns_shell.meanI_over_sigI_obs    ? 
_reflns_shell.pdbx_redundancy        4.5 
_reflns_shell.percent_possible_obs   ? 
_reflns_shell.number_unique_all      ? 
_reflns_shell.pdbx_diffrn_id         ? 
_reflns_shell.pdbx_ordinal           1 
# 
_refine.entry_id                                 477D 
_refine.ls_number_reflns_obs                     6228 
_refine.ls_number_reflns_all                     6230 
_refine.pdbx_ls_sigma_I                          0.0 
_refine.pdbx_ls_sigma_F                          0.0 
_refine.pdbx_data_cutoff_high_absF               ? 
_refine.pdbx_data_cutoff_low_absF                ? 
_refine.pdbx_data_cutoff_high_rms_absF           ? 
_refine.ls_d_res_low                             20.0 
_refine.ls_d_res_high                            1.70 
_refine.ls_percent_reflns_obs                    86.3 
_refine.ls_R_factor_obs                          0.1940000 
_refine.ls_R_factor_all                          ? 
_refine.ls_R_factor_R_work                       0.1940000 
_refine.ls_R_factor_R_free                       0.2350000 
_refine.ls_R_factor_R_free_error                 ? 
_refine.ls_R_factor_R_free_error_details         ? 
_refine.ls_percent_reflns_R_free                 10 
_refine.ls_number_reflns_R_free                  642 
_refine.ls_number_parameters                     ? 
_refine.ls_number_restraints                     ? 
_refine.occupancy_min                            ? 
_refine.occupancy_max                            ? 
_refine.B_iso_mean                               ? 
_refine.aniso_B[1][1]                            ? 
_refine.aniso_B[2][2]                            ? 
_refine.aniso_B[3][3]                            ? 
_refine.aniso_B[1][2]                            ? 
_refine.aniso_B[1][3]                            ? 
_refine.aniso_B[2][3]                            ? 
_refine.solvent_model_details                    ? 
_refine.solvent_model_param_ksol                 ? 
_refine.solvent_model_param_bsol                 ? 
_refine.pdbx_ls_cross_valid_method               THROUGHOUT 
_refine.details                                  ? 
_refine.pdbx_starting_model                      ? 
_refine.pdbx_method_to_determine_struct          ? 
_refine.pdbx_isotropic_thermal_model             ? 
_refine.pdbx_stereochemistry_target_values       ? 
_refine.pdbx_stereochem_target_val_spec_case     ? 
_refine.pdbx_R_Free_selection_details            RANDOM 
_refine.pdbx_overall_ESU_R                       ? 
_refine.pdbx_overall_ESU_R_Free                  ? 
_refine.overall_SU_ML                            ? 
_refine.overall_SU_B                             ? 
_refine.ls_redundancy_reflns_obs                 ? 
_refine.correlation_coeff_Fo_to_Fc               ? 
_refine.correlation_coeff_Fo_to_Fc_free          ? 
_refine.overall_SU_R_Cruickshank_DPI             ? 
_refine.overall_SU_R_free                        ? 
_refine.pdbx_refine_id                           'X-RAY DIFFRACTION' 
_refine.pdbx_diffrn_id                           1 
_refine.pdbx_TLS_residual_ADP_flag               ? 
_refine.pdbx_solvent_vdw_probe_radii             ? 
_refine.pdbx_solvent_ion_probe_radii             ? 
_refine.pdbx_solvent_shrinkage_radii             ? 
_refine.pdbx_overall_phase_error                 ? 
_refine.pdbx_overall_SU_R_free_Cruickshank_DPI   ? 
_refine.pdbx_overall_SU_R_Blow_DPI               ? 
_refine.pdbx_overall_SU_R_free_Blow_DPI          ? 
# 
_refine_hist.pdbx_refine_id                   'X-RAY DIFFRACTION' 
_refine_hist.cycle_id                         LAST 
_refine_hist.pdbx_number_atoms_protein        0 
_refine_hist.pdbx_number_atoms_nucleic_acid   456 
_refine_hist.pdbx_number_atoms_ligand         4 
_refine_hist.number_atoms_solvent             151 
_refine_hist.number_atoms_total               611 
_refine_hist.d_res_high                       1.70 
_refine_hist.d_res_low                        20.0 
# 
loop_
_refine_ls_restr.type 
_refine_ls_restr.dev_ideal 
_refine_ls_restr.dev_ideal_target 
_refine_ls_restr.weight 
_refine_ls_restr.number 
_refine_ls_restr.pdbx_refine_id 
_refine_ls_restr.pdbx_restraint_function 
c_bond_d                0.007 ? ? ? 'X-RAY DIFFRACTION' ? 
c_bond_d_na             ?     ? ? ? 'X-RAY DIFFRACTION' ? 
c_bond_d_prot           ?     ? ? ? 'X-RAY DIFFRACTION' ? 
c_angle_d               ?     ? ? ? 'X-RAY DIFFRACTION' ? 
c_angle_d_na            ?     ? ? ? 'X-RAY DIFFRACTION' ? 
c_angle_d_prot          ?     ? ? ? 'X-RAY DIFFRACTION' ? 
c_angle_deg             1.10  ? ? ? 'X-RAY DIFFRACTION' ? 
c_angle_deg_na          ?     ? ? ? 'X-RAY DIFFRACTION' ? 
c_angle_deg_prot        ?     ? ? ? 'X-RAY DIFFRACTION' ? 
c_dihedral_angle_d      ?     ? ? ? 'X-RAY DIFFRACTION' ? 
c_dihedral_angle_d_na   ?     ? ? ? 'X-RAY DIFFRACTION' ? 
c_dihedral_angle_d_prot ?     ? ? ? 'X-RAY DIFFRACTION' ? 
c_improper_angle_d      ?     ? ? ? 'X-RAY DIFFRACTION' ? 
c_improper_angle_d_na   ?     ? ? ? 'X-RAY DIFFRACTION' ? 
c_improper_angle_d_prot ?     ? ? ? 'X-RAY DIFFRACTION' ? 
c_mcbond_it             ?     ? ? ? 'X-RAY DIFFRACTION' ? 
c_mcangle_it            ?     ? ? ? 'X-RAY DIFFRACTION' ? 
c_scbond_it             ?     ? ? ? 'X-RAY DIFFRACTION' ? 
c_scangle_it            ?     ? ? ? 'X-RAY DIFFRACTION' ? 
# 
_struct.entry_id                  477D 
_struct.title                     'CALCIUM FORM OF THE B-DNA DODECAMER GGCGAATTCGCG' 
_struct.pdbx_model_details        ? 
_struct.pdbx_CASP_flag            ? 
_struct.pdbx_model_type_details   ? 
# 
_struct_keywords.entry_id        477D 
_struct_keywords.pdbx_keywords   DNA 
_struct_keywords.text            'B-DNA DODECAMER, CALCIUM FORM, DNA' 
# 
loop_
_struct_asym.id 
_struct_asym.pdbx_blank_PDB_chainid_flag 
_struct_asym.pdbx_modified 
_struct_asym.entity_id 
_struct_asym.details 
A N N 1 ? 
B N N 1 ? 
C N N 2 ? 
D N N 2 ? 
E N N 2 ? 
F N N 2 ? 
G N N 3 ? 
H N N 3 ? 
# 
_struct_ref.id                         1 
_struct_ref.entity_id                  1 
_struct_ref.db_name                    PDB 
_struct_ref.db_code                    477D 
_struct_ref.pdbx_db_accession          477D 
_struct_ref.pdbx_db_isoform            ? 
_struct_ref.pdbx_seq_one_letter_code   ? 
_struct_ref.pdbx_align_begin           ? 
# 
loop_
_struct_ref_seq.align_id 
_struct_ref_seq.ref_id 
_struct_ref_seq.pdbx_PDB_id_code 
_struct_ref_seq.pdbx_strand_id 
_struct_ref_seq.seq_align_beg 
_struct_ref_seq.pdbx_seq_align_beg_ins_code 
_struct_ref_seq.seq_align_end 
_struct_ref_seq.pdbx_seq_align_end_ins_code 
_struct_ref_seq.pdbx_db_accession 
_struct_ref_seq.db_align_beg 
_struct_ref_seq.pdbx_db_align_beg_ins_code 
_struct_ref_seq.db_align_end 
_struct_ref_seq.pdbx_db_align_end_ins_code 
_struct_ref_seq.pdbx_auth_seq_align_beg 
_struct_ref_seq.pdbx_auth_seq_align_end 
1 1 477D A 1 ? 12 ? 477D 1  ? 12 ? 1  12 
2 1 477D B 1 ? 12 ? 477D 13 ? 24 ? 13 24 
# 
_pdbx_struct_assembly.id                   1 
_pdbx_struct_assembly.details              author_defined_assembly 
_pdbx_struct_assembly.method_details       ? 
_pdbx_struct_assembly.oligomeric_details   dimeric 
_pdbx_struct_assembly.oligomeric_count     2 
# 
_pdbx_struct_assembly_gen.assembly_id       1 
_pdbx_struct_assembly_gen.oper_expression   1 
_pdbx_struct_assembly_gen.asym_id_list      A,B,C,D,E,F,G,H 
# 
_pdbx_struct_oper_list.id                   1 
_pdbx_struct_oper_list.type                 'identity operation' 
_pdbx_struct_oper_list.name                 1_555 
_pdbx_struct_oper_list.symmetry_operation   x,y,z 
_pdbx_struct_oper_list.matrix[1][1]         1.0000000000 
_pdbx_struct_oper_list.matrix[1][2]         0.0000000000 
_pdbx_struct_oper_list.matrix[1][3]         0.0000000000 
_pdbx_struct_oper_list.vector[1]            0.0000000000 
_pdbx_struct_oper_list.matrix[2][1]         0.0000000000 
_pdbx_struct_oper_list.matrix[2][2]         1.0000000000 
_pdbx_struct_oper_list.matrix[2][3]         0.0000000000 
_pdbx_struct_oper_list.vector[2]            0.0000000000 
_pdbx_struct_oper_list.matrix[3][1]         0.0000000000 
_pdbx_struct_oper_list.matrix[3][2]         0.0000000000 
_pdbx_struct_oper_list.matrix[3][3]         1.0000000000 
_pdbx_struct_oper_list.vector[3]            0.0000000000 
# 
_struct_biol.id                    1 
_struct_biol.pdbx_parent_biol_id   ? 
_struct_biol.details               ? 
# 
loop_
_struct_conn.id 
_struct_conn.conn_type_id 
_struct_conn.pdbx_leaving_atom_flag 
_struct_conn.pdbx_PDB_id 
_struct_conn.ptnr1_label_asym_id 
_struct_conn.ptnr1_label_comp_id 
_struct_conn.ptnr1_label_seq_id 
_struct_conn.ptnr1_label_atom_id 
_struct_conn.pdbx_ptnr1_label_alt_id 
_struct_conn.pdbx_ptnr1_PDB_ins_code 
_struct_conn.pdbx_ptnr1_standard_comp_id 
_struct_conn.ptnr1_symmetry 
_struct_conn.ptnr2_label_asym_id 
_struct_conn.ptnr2_label_comp_id 
_struct_conn.ptnr2_label_seq_id 
_struct_conn.ptnr2_label_atom_id 
_struct_conn.pdbx_ptnr2_label_alt_id 
_struct_conn.pdbx_ptnr2_PDB_ins_code 
_struct_conn.ptnr1_auth_asym_id 
_struct_conn.ptnr1_auth_comp_id 
_struct_conn.ptnr1_auth_seq_id 
_struct_conn.ptnr2_auth_asym_id 
_struct_conn.ptnr2_auth_comp_id 
_struct_conn.ptnr2_auth_seq_id 
_struct_conn.ptnr2_symmetry 
_struct_conn.pdbx_ptnr3_label_atom_id 
_struct_conn.pdbx_ptnr3_label_seq_id 
_struct_conn.pdbx_ptnr3_label_comp_id 
_struct_conn.pdbx_ptnr3_label_asym_id 
_struct_conn.pdbx_ptnr3_label_alt_id 
_struct_conn.pdbx_ptnr3_PDB_ins_code 
_struct_conn.details 
_struct_conn.pdbx_dist_value 
_struct_conn.pdbx_value_order 
_struct_conn.pdbx_role 
metalc1  metalc ? ? A DA  5  OP1 ? ? ? 1_555 D CA  .  CA ? ? A DA  5   A CA  120 1_555 ? ? ? ? ? ? ?            2.360 ? ? 
metalc2  metalc ? ? A DA  5  OP1 ? ? ? 2_645 D CA  .  CA ? ? A DA  5   A CA  120 1_555 ? ? ? ? ? ? ?            2.354 ? ? 
metalc3  metalc ? ? A DA  5  OP1 ? ? ? 3_765 D CA  .  CA ? ? A DA  5   A CA  120 1_555 ? ? ? ? ? ? ?            2.357 ? ? 
metalc4  metalc ? ? A DG  12 OP1 ? ? ? 6_665 E CA  .  CA ? ? A DG  12  B CA  101 1_555 ? ? ? ? ? ? ?            2.240 ? ? 
metalc5  metalc ? ? A DG  12 O6  ? ? ? 4_445 E CA  .  CA ? ? A DG  12  B CA  101 1_555 ? ? ? ? ? ? ?            2.210 ? ? 
metalc6  metalc ? ? C CA  .  CA  ? ? ? 1_555 G HOH .  O  ? ? A CA  112 A HOH 114 1_555 ? ? ? ? ? ? ?            2.324 ? ? 
metalc7  metalc ? ? C CA  .  CA  ? ? ? 1_555 G HOH .  O  ? ? A CA  112 A HOH 115 1_555 ? ? ? ? ? ? ?            2.402 ? ? 
metalc8  metalc ? ? C CA  .  CA  ? ? ? 1_555 G HOH .  O  ? ? A CA  112 A HOH 116 1_555 ? ? ? ? ? ? ?            2.273 ? ? 
metalc9  metalc ? ? C CA  .  CA  ? ? ? 1_555 G HOH .  O  ? ? A CA  112 A HOH 117 1_555 ? ? ? ? ? ? ?            2.259 ? ? 
metalc10 metalc ? ? C CA  .  CA  ? ? ? 1_555 G HOH .  O  ? ? A CA  112 A HOH 118 1_555 ? ? ? ? ? ? ?            2.262 ? ? 
metalc11 metalc ? ? C CA  .  CA  ? ? ? 1_555 G HOH .  O  ? ? A CA  112 A HOH 119 1_555 ? ? ? ? ? ? ?            2.506 ? ? 
metalc12 metalc ? ? C CA  .  CA  ? ? ? 1_555 H HOH .  O  ? ? A CA  112 B HOH 113 1_555 ? ? ? ? ? ? ?            2.588 ? ? 
metalc13 metalc ? ? D CA  .  CA  ? ? ? 1_555 G HOH .  O  ? ? A CA  120 A HOH 121 1_555 ? ? ? ? ? ? ?            2.484 ? ? 
metalc14 metalc ? ? D CA  .  CA  ? ? ? 1_555 G HOH .  O  ? ? A CA  120 A HOH 121 3_765 ? ? ? ? ? ? ?            2.478 ? ? 
metalc15 metalc ? ? D CA  .  CA  ? ? ? 1_555 G HOH .  O  ? ? A CA  120 A HOH 121 2_645 ? ? ? ? ? ? ?            2.481 ? ? 
metalc16 metalc ? ? G HOH .  O   ? ? ? 4_445 E CA  .  CA ? ? A HOH 144 B CA  101 1_555 ? ? ? ? ? ? ?            2.292 ? ? 
metalc17 metalc ? ? B DG  12 OP1 ? ? ? 1_555 E CA  .  CA ? ? B DG  24  B CA  101 1_555 ? ? ? ? ? ? ?            2.177 ? ? 
metalc18 metalc ? ? E CA  .  CA  ? ? ? 1_555 H HOH .  O  ? ? B CA  101 B HOH 102 1_555 ? ? ? ? ? ? ?            2.262 ? ? 
metalc19 metalc ? ? F CA  .  CA  ? ? ? 1_555 H HOH .  O  ? ? B CA  146 B HOH 186 1_555 ? ? ? ? ? ? ?            2.237 ? ? 
metalc20 metalc ? ? F CA  .  CA  ? ? ? 1_555 H HOH .  O  ? ? B CA  146 B HOH 282 1_555 ? ? ? ? ? ? ?            2.359 ? ? 
metalc21 metalc ? ? F CA  .  CA  ? ? ? 1_555 H HOH .  O  ? ? B CA  146 B HOH 283 1_555 ? ? ? ? ? ? ?            2.187 ? ? 
hydrog1  hydrog ? ? A DG  2  N1  ? ? ? 1_555 B DC  11 N3 ? ? A DG  2   B DC  23  1_555 ? ? ? ? ? ? WATSON-CRICK ?     ? ? 
hydrog2  hydrog ? ? A DG  2  N2  ? ? ? 1_555 B DC  11 O2 ? ? A DG  2   B DC  23  1_555 ? ? ? ? ? ? WATSON-CRICK ?     ? ? 
hydrog3  hydrog ? ? A DG  2  O6  ? ? ? 1_555 B DC  11 N4 ? ? A DG  2   B DC  23  1_555 ? ? ? ? ? ? WATSON-CRICK ?     ? ? 
hydrog4  hydrog ? ? A DC  3  N3  ? ? ? 1_555 B DG  10 N1 ? ? A DC  3   B DG  22  1_555 ? ? ? ? ? ? WATSON-CRICK ?     ? ? 
hydrog5  hydrog ? ? A DC  3  N4  ? ? ? 1_555 B DG  10 O6 ? ? A DC  3   B DG  22  1_555 ? ? ? ? ? ? WATSON-CRICK ?     ? ? 
hydrog6  hydrog ? ? A DC  3  O2  ? ? ? 1_555 B DG  10 N2 ? ? A DC  3   B DG  22  1_555 ? ? ? ? ? ? WATSON-CRICK ?     ? ? 
hydrog7  hydrog ? ? A DG  4  N1  ? ? ? 1_555 B DC  9  N3 ? ? A DG  4   B DC  21  1_555 ? ? ? ? ? ? WATSON-CRICK ?     ? ? 
hydrog8  hydrog ? ? A DG  4  N2  ? ? ? 1_555 B DC  9  O2 ? ? A DG  4   B DC  21  1_555 ? ? ? ? ? ? WATSON-CRICK ?     ? ? 
hydrog9  hydrog ? ? A DG  4  O6  ? ? ? 1_555 B DC  9  N4 ? ? A DG  4   B DC  21  1_555 ? ? ? ? ? ? WATSON-CRICK ?     ? ? 
hydrog10 hydrog ? ? A DA  5  N1  ? ? ? 1_555 B DT  8  N3 ? ? A DA  5   B DT  20  1_555 ? ? ? ? ? ? WATSON-CRICK ?     ? ? 
hydrog11 hydrog ? ? A DA  5  N6  ? ? ? 1_555 B DT  8  O4 ? ? A DA  5   B DT  20  1_555 ? ? ? ? ? ? WATSON-CRICK ?     ? ? 
hydrog12 hydrog ? ? A DA  6  N1  ? ? ? 1_555 B DT  7  N3 ? ? A DA  6   B DT  19  1_555 ? ? ? ? ? ? WATSON-CRICK ?     ? ? 
hydrog13 hydrog ? ? A DA  6  N6  ? ? ? 1_555 B DT  7  O4 ? ? A DA  6   B DT  19  1_555 ? ? ? ? ? ? WATSON-CRICK ?     ? ? 
hydrog14 hydrog ? ? A DT  7  N3  ? ? ? 1_555 B DA  6  N1 ? ? A DT  7   B DA  18  1_555 ? ? ? ? ? ? WATSON-CRICK ?     ? ? 
hydrog15 hydrog ? ? A DT  7  O4  ? ? ? 1_555 B DA  6  N6 ? ? A DT  7   B DA  18  1_555 ? ? ? ? ? ? WATSON-CRICK ?     ? ? 
hydrog16 hydrog ? ? A DT  8  N3  ? ? ? 1_555 B DA  5  N1 ? ? A DT  8   B DA  17  1_555 ? ? ? ? ? ? WATSON-CRICK ?     ? ? 
hydrog17 hydrog ? ? A DT  8  O4  ? ? ? 1_555 B DA  5  N6 ? ? A DT  8   B DA  17  1_555 ? ? ? ? ? ? WATSON-CRICK ?     ? ? 
hydrog18 hydrog ? ? A DC  9  N3  ? ? ? 1_555 B DG  4  N1 ? ? A DC  9   B DG  16  1_555 ? ? ? ? ? ? WATSON-CRICK ?     ? ? 
hydrog19 hydrog ? ? A DC  9  N4  ? ? ? 1_555 B DG  4  O6 ? ? A DC  9   B DG  16  1_555 ? ? ? ? ? ? WATSON-CRICK ?     ? ? 
hydrog20 hydrog ? ? A DC  9  O2  ? ? ? 1_555 B DG  4  N2 ? ? A DC  9   B DG  16  1_555 ? ? ? ? ? ? WATSON-CRICK ?     ? ? 
hydrog21 hydrog ? ? A DG  10 N1  ? ? ? 1_555 B DC  3  N3 ? ? A DG  10  B DC  15  1_555 ? ? ? ? ? ? WATSON-CRICK ?     ? ? 
hydrog22 hydrog ? ? A DG  10 N2  ? ? ? 1_555 B DC  3  O2 ? ? A DG  10  B DC  15  1_555 ? ? ? ? ? ? WATSON-CRICK ?     ? ? 
hydrog23 hydrog ? ? A DG  10 O6  ? ? ? 1_555 B DC  3  N4 ? ? A DG  10  B DC  15  1_555 ? ? ? ? ? ? WATSON-CRICK ?     ? ? 
hydrog24 hydrog ? ? A DC  11 N3  ? ? ? 1_555 B DG  2  N1 ? ? A DC  11  B DG  14  1_555 ? ? ? ? ? ? WATSON-CRICK ?     ? ? 
hydrog25 hydrog ? ? A DC  11 N4  ? ? ? 1_555 B DG  2  O6 ? ? A DC  11  B DG  14  1_555 ? ? ? ? ? ? WATSON-CRICK ?     ? ? 
hydrog26 hydrog ? ? A DC  11 O2  ? ? ? 1_555 B DG  2  N2 ? ? A DC  11  B DG  14  1_555 ? ? ? ? ? ? WATSON-CRICK ?     ? ? 
# 
loop_
_struct_conn_type.id 
_struct_conn_type.criteria 
_struct_conn_type.reference 
metalc ? ? 
hydrog ? ? 
# 
loop_
_pdbx_struct_conn_angle.id 
_pdbx_struct_conn_angle.ptnr1_label_atom_id 
_pdbx_struct_conn_angle.ptnr1_label_alt_id 
_pdbx_struct_conn_angle.ptnr1_label_asym_id 
_pdbx_struct_conn_angle.ptnr1_label_comp_id 
_pdbx_struct_conn_angle.ptnr1_label_seq_id 
_pdbx_struct_conn_angle.ptnr1_auth_atom_id 
_pdbx_struct_conn_angle.ptnr1_auth_asym_id 
_pdbx_struct_conn_angle.ptnr1_auth_comp_id 
_pdbx_struct_conn_angle.ptnr1_auth_seq_id 
_pdbx_struct_conn_angle.ptnr1_PDB_ins_code 
_pdbx_struct_conn_angle.ptnr1_symmetry 
_pdbx_struct_conn_angle.ptnr2_label_atom_id 
_pdbx_struct_conn_angle.ptnr2_label_alt_id 
_pdbx_struct_conn_angle.ptnr2_label_asym_id 
_pdbx_struct_conn_angle.ptnr2_label_comp_id 
_pdbx_struct_conn_angle.ptnr2_label_seq_id 
_pdbx_struct_conn_angle.ptnr2_auth_atom_id 
_pdbx_struct_conn_angle.ptnr2_auth_asym_id 
_pdbx_struct_conn_angle.ptnr2_auth_comp_id 
_pdbx_struct_conn_angle.ptnr2_auth_seq_id 
_pdbx_struct_conn_angle.ptnr2_PDB_ins_code 
_pdbx_struct_conn_angle.ptnr2_symmetry 
_pdbx_struct_conn_angle.ptnr3_label_atom_id 
_pdbx_struct_conn_angle.ptnr3_label_alt_id 
_pdbx_struct_conn_angle.ptnr3_label_asym_id 
_pdbx_struct_conn_angle.ptnr3_label_comp_id 
_pdbx_struct_conn_angle.ptnr3_label_seq_id 
_pdbx_struct_conn_angle.ptnr3_auth_atom_id 
_pdbx_struct_conn_angle.ptnr3_auth_asym_id 
_pdbx_struct_conn_angle.ptnr3_auth_comp_id 
_pdbx_struct_conn_angle.ptnr3_auth_seq_id 
_pdbx_struct_conn_angle.ptnr3_PDB_ins_code 
_pdbx_struct_conn_angle.ptnr3_symmetry 
_pdbx_struct_conn_angle.value 
_pdbx_struct_conn_angle.value_esd 
1  OP1 ? A DA  5  ? A DA  5   ? 1_555 CA ? D CA . ? A CA 120 ? 1_555 OP1 ? A DA  5  ? A DA  5   ? 2_645 92.8  ? 
2  OP1 ? A DA  5  ? A DA  5   ? 1_555 CA ? D CA . ? A CA 120 ? 1_555 OP1 ? A DA  5  ? A DA  5   ? 3_765 92.7  ? 
3  OP1 ? A DA  5  ? A DA  5   ? 2_645 CA ? D CA . ? A CA 120 ? 1_555 OP1 ? A DA  5  ? A DA  5   ? 3_765 92.9  ? 
4  OP1 ? A DA  5  ? A DA  5   ? 1_555 CA ? D CA . ? A CA 120 ? 1_555 O   ? G HOH .  ? A HOH 121 ? 1_555 80.8  ? 
5  OP1 ? A DA  5  ? A DA  5   ? 2_645 CA ? D CA . ? A CA 120 ? 1_555 O   ? G HOH .  ? A HOH 121 ? 1_555 170.6 ? 
6  OP1 ? A DA  5  ? A DA  5   ? 3_765 CA ? D CA . ? A CA 120 ? 1_555 O   ? G HOH .  ? A HOH 121 ? 1_555 94.3  ? 
7  OP1 ? A DA  5  ? A DA  5   ? 1_555 CA ? D CA . ? A CA 120 ? 1_555 O   ? G HOH .  ? A HOH 121 ? 3_765 170.6 ? 
8  OP1 ? A DA  5  ? A DA  5   ? 2_645 CA ? D CA . ? A CA 120 ? 1_555 O   ? G HOH .  ? A HOH 121 ? 3_765 94.5  ? 
9  OP1 ? A DA  5  ? A DA  5   ? 3_765 CA ? D CA . ? A CA 120 ? 1_555 O   ? G HOH .  ? A HOH 121 ? 3_765 81.0  ? 
10 O   ? G HOH .  ? A HOH 121 ? 1_555 CA ? D CA . ? A CA 120 ? 1_555 O   ? G HOH .  ? A HOH 121 ? 3_765 92.6  ? 
11 OP1 ? A DA  5  ? A DA  5   ? 1_555 CA ? D CA . ? A CA 120 ? 1_555 O   ? G HOH .  ? A HOH 121 ? 2_645 94.3  ? 
12 OP1 ? A DA  5  ? A DA  5   ? 2_645 CA ? D CA . ? A CA 120 ? 1_555 O   ? G HOH .  ? A HOH 121 ? 2_645 81.0  ? 
13 OP1 ? A DA  5  ? A DA  5   ? 3_765 CA ? D CA . ? A CA 120 ? 1_555 O   ? G HOH .  ? A HOH 121 ? 2_645 170.9 ? 
14 O   ? G HOH .  ? A HOH 121 ? 1_555 CA ? D CA . ? A CA 120 ? 1_555 O   ? G HOH .  ? A HOH 121 ? 2_645 92.5  ? 
15 O   ? G HOH .  ? A HOH 121 ? 3_765 CA ? D CA . ? A CA 120 ? 1_555 O   ? G HOH .  ? A HOH 121 ? 2_645 92.7  ? 
16 OP1 ? A DG  12 ? A DG  12  ? 6_665 CA ? E CA . ? B CA 101 ? 1_555 O6  ? A DG  12 ? A DG  12  ? 4_445 91.3  ? 
17 OP1 ? A DG  12 ? A DG  12  ? 6_665 CA ? E CA . ? B CA 101 ? 1_555 O   ? G HOH .  ? A HOH 144 ? 4_445 74.4  ? 
18 O6  ? A DG  12 ? A DG  12  ? 4_445 CA ? E CA . ? B CA 101 ? 1_555 O   ? G HOH .  ? A HOH 144 ? 4_445 76.8  ? 
19 OP1 ? A DG  12 ? A DG  12  ? 6_665 CA ? E CA . ? B CA 101 ? 1_555 OP1 ? B DG  12 ? B DG  24  ? 1_555 106.0 ? 
20 O6  ? A DG  12 ? A DG  12  ? 4_445 CA ? E CA . ? B CA 101 ? 1_555 OP1 ? B DG  12 ? B DG  24  ? 1_555 158.0 ? 
21 O   ? G HOH .  ? A HOH 144 ? 4_445 CA ? E CA . ? B CA 101 ? 1_555 OP1 ? B DG  12 ? B DG  24  ? 1_555 94.6  ? 
22 OP1 ? A DG  12 ? A DG  12  ? 6_665 CA ? E CA . ? B CA 101 ? 1_555 O   ? H HOH .  ? B HOH 102 ? 1_555 96.1  ? 
23 O6  ? A DG  12 ? A DG  12  ? 4_445 CA ? E CA . ? B CA 101 ? 1_555 O   ? H HOH .  ? B HOH 102 ? 1_555 98.0  ? 
24 O   ? G HOH .  ? A HOH 144 ? 4_445 CA ? E CA . ? B CA 101 ? 1_555 O   ? H HOH .  ? B HOH 102 ? 1_555 168.9 ? 
25 OP1 ? B DG  12 ? B DG  24  ? 1_555 CA ? E CA . ? B CA 101 ? 1_555 O   ? H HOH .  ? B HOH 102 ? 1_555 93.6  ? 
26 O   ? G HOH .  ? A HOH 114 ? 1_555 CA ? C CA . ? A CA 112 ? 1_555 O   ? G HOH .  ? A HOH 115 ? 1_555 144.5 ? 
27 O   ? G HOH .  ? A HOH 114 ? 1_555 CA ? C CA . ? A CA 112 ? 1_555 O   ? G HOH .  ? A HOH 116 ? 1_555 75.1  ? 
28 O   ? G HOH .  ? A HOH 115 ? 1_555 CA ? C CA . ? A CA 112 ? 1_555 O   ? G HOH .  ? A HOH 116 ? 1_555 140.4 ? 
29 O   ? G HOH .  ? A HOH 114 ? 1_555 CA ? C CA . ? A CA 112 ? 1_555 O   ? G HOH .  ? A HOH 117 ? 1_555 83.0  ? 
30 O   ? G HOH .  ? A HOH 115 ? 1_555 CA ? C CA . ? A CA 112 ? 1_555 O   ? G HOH .  ? A HOH 117 ? 1_555 93.0  ? 
31 O   ? G HOH .  ? A HOH 116 ? 1_555 CA ? C CA . ? A CA 112 ? 1_555 O   ? G HOH .  ? A HOH 117 ? 1_555 95.0  ? 
32 O   ? G HOH .  ? A HOH 114 ? 1_555 CA ? C CA . ? A CA 112 ? 1_555 O   ? G HOH .  ? A HOH 118 ? 1_555 75.7  ? 
33 O   ? G HOH .  ? A HOH 115 ? 1_555 CA ? C CA . ? A CA 112 ? 1_555 O   ? G HOH .  ? A HOH 118 ? 1_555 70.1  ? 
34 O   ? G HOH .  ? A HOH 116 ? 1_555 CA ? C CA . ? A CA 112 ? 1_555 O   ? G HOH .  ? A HOH 118 ? 1_555 145.8 ? 
35 O   ? G HOH .  ? A HOH 117 ? 1_555 CA ? C CA . ? A CA 112 ? 1_555 O   ? G HOH .  ? A HOH 118 ? 1_555 98.5  ? 
36 O   ? G HOH .  ? A HOH 114 ? 1_555 CA ? C CA . ? A CA 112 ? 1_555 O   ? G HOH .  ? A HOH 119 ? 1_555 143.2 ? 
37 O   ? G HOH .  ? A HOH 115 ? 1_555 CA ? C CA . ? A CA 112 ? 1_555 O   ? G HOH .  ? A HOH 119 ? 1_555 70.6  ? 
38 O   ? G HOH .  ? A HOH 116 ? 1_555 CA ? C CA . ? A CA 112 ? 1_555 O   ? G HOH .  ? A HOH 119 ? 1_555 71.6  ? 
39 O   ? G HOH .  ? A HOH 117 ? 1_555 CA ? C CA . ? A CA 112 ? 1_555 O   ? G HOH .  ? A HOH 119 ? 1_555 84.8  ? 
40 O   ? G HOH .  ? A HOH 118 ? 1_555 CA ? C CA . ? A CA 112 ? 1_555 O   ? G HOH .  ? A HOH 119 ? 1_555 140.6 ? 
41 O   ? G HOH .  ? A HOH 114 ? 1_555 CA ? C CA . ? A CA 112 ? 1_555 O   ? H HOH .  ? B HOH 113 ? 1_555 95.5  ? 
42 O   ? G HOH .  ? A HOH 115 ? 1_555 CA ? C CA . ? A CA 112 ? 1_555 O   ? H HOH .  ? B HOH 113 ? 1_555 91.6  ? 
43 O   ? G HOH .  ? A HOH 116 ? 1_555 CA ? C CA . ? A CA 112 ? 1_555 O   ? H HOH .  ? B HOH 113 ? 1_555 78.9  ? 
44 O   ? G HOH .  ? A HOH 117 ? 1_555 CA ? C CA . ? A CA 112 ? 1_555 O   ? H HOH .  ? B HOH 113 ? 1_555 173.9 ? 
45 O   ? G HOH .  ? A HOH 118 ? 1_555 CA ? C CA . ? A CA 112 ? 1_555 O   ? H HOH .  ? B HOH 113 ? 1_555 86.8  ? 
46 O   ? G HOH .  ? A HOH 119 ? 1_555 CA ? C CA . ? A CA 112 ? 1_555 O   ? H HOH .  ? B HOH 113 ? 1_555 93.0  ? 
47 O   ? H HOH .  ? B HOH 186 ? 1_555 CA ? F CA . ? B CA 146 ? 1_555 O   ? H HOH .  ? B HOH 282 ? 1_555 69.0  ? 
48 O   ? H HOH .  ? B HOH 186 ? 1_555 CA ? F CA . ? B CA 146 ? 1_555 O   ? H HOH .  ? B HOH 283 ? 1_555 91.7  ? 
49 O   ? H HOH .  ? B HOH 282 ? 1_555 CA ? F CA . ? B CA 146 ? 1_555 O   ? H HOH .  ? B HOH 283 ? 1_555 96.4  ? 
# 
loop_
_struct_site.id 
_struct_site.pdbx_evidence_code 
_struct_site.pdbx_auth_asym_id 
_struct_site.pdbx_auth_comp_id 
_struct_site.pdbx_auth_seq_id 
_struct_site.pdbx_auth_ins_code 
_struct_site.pdbx_num_residues 
_struct_site.details 
AC1 Software B CA 101 ? 5 'BINDING SITE FOR RESIDUE CA B 101' 
AC2 Software A CA 112 ? 7 'BINDING SITE FOR RESIDUE CA A 112' 
AC3 Software A CA 120 ? 6 'BINDING SITE FOR RESIDUE CA A 120' 
AC4 Software B CA 146 ? 3 'BINDING SITE FOR RESIDUE CA B 146' 
# 
loop_
_struct_site_gen.id 
_struct_site_gen.site_id 
_struct_site_gen.pdbx_num_res 
_struct_site_gen.label_comp_id 
_struct_site_gen.label_asym_id 
_struct_site_gen.label_seq_id 
_struct_site_gen.pdbx_auth_ins_code 
_struct_site_gen.auth_comp_id 
_struct_site_gen.auth_asym_id 
_struct_site_gen.auth_seq_id 
_struct_site_gen.label_atom_id 
_struct_site_gen.label_alt_id 
_struct_site_gen.symmetry 
_struct_site_gen.details 
1  AC1 5 DG  A 12 ? DG  A 12  . ? 4_445 ? 
2  AC1 5 DG  A 12 ? DG  A 12  . ? 6_665 ? 
3  AC1 5 HOH G .  ? HOH A 144 . ? 4_445 ? 
4  AC1 5 DG  B 12 ? DG  B 24  . ? 1_555 ? 
5  AC1 5 HOH H .  ? HOH B 102 . ? 1_555 ? 
6  AC2 7 HOH G .  ? HOH A 114 . ? 1_555 ? 
7  AC2 7 HOH G .  ? HOH A 115 . ? 1_555 ? 
8  AC2 7 HOH G .  ? HOH A 116 . ? 1_555 ? 
9  AC2 7 HOH G .  ? HOH A 117 . ? 1_555 ? 
10 AC2 7 HOH G .  ? HOH A 118 . ? 1_555 ? 
11 AC2 7 HOH G .  ? HOH A 119 . ? 1_555 ? 
12 AC2 7 HOH H .  ? HOH B 113 . ? 1_555 ? 
13 AC3 6 DA  A 5  ? DA  A 5   . ? 2_645 ? 
14 AC3 6 DA  A 5  ? DA  A 5   . ? 3_765 ? 
15 AC3 6 DA  A 5  ? DA  A 5   . ? 1_555 ? 
16 AC3 6 HOH G .  ? HOH A 121 . ? 1_555 ? 
17 AC3 6 HOH G .  ? HOH A 121 . ? 2_645 ? 
18 AC3 6 HOH G .  ? HOH A 121 . ? 3_765 ? 
19 AC4 3 HOH H .  ? HOH B 186 . ? 1_555 ? 
20 AC4 3 HOH H .  ? HOH B 282 . ? 1_555 ? 
21 AC4 3 HOH H .  ? HOH B 283 . ? 1_555 ? 
# 
loop_
_pdbx_validate_planes.id 
_pdbx_validate_planes.PDB_model_num 
_pdbx_validate_planes.auth_comp_id 
_pdbx_validate_planes.auth_asym_id 
_pdbx_validate_planes.auth_seq_id 
_pdbx_validate_planes.PDB_ins_code 
_pdbx_validate_planes.label_alt_id 
_pdbx_validate_planes.rmsd 
_pdbx_validate_planes.type 
1 1 DG A 2  ? ? 0.089 'SIDE CHAIN' 
2 1 DG B 14 ? ? 0.069 'SIDE CHAIN' 
# 
loop_
_pdbx_struct_special_symmetry.id 
_pdbx_struct_special_symmetry.PDB_model_num 
_pdbx_struct_special_symmetry.auth_asym_id 
_pdbx_struct_special_symmetry.auth_comp_id 
_pdbx_struct_special_symmetry.auth_seq_id 
_pdbx_struct_special_symmetry.PDB_ins_code 
_pdbx_struct_special_symmetry.label_asym_id 
_pdbx_struct_special_symmetry.label_comp_id 
_pdbx_struct_special_symmetry.label_seq_id 
1 1 A CA  120 ? D CA  . 
2 1 A HOH 243 ? G HOH . 
# 
loop_
_chem_comp_atom.comp_id 
_chem_comp_atom.atom_id 
_chem_comp_atom.type_symbol 
_chem_comp_atom.pdbx_aromatic_flag 
_chem_comp_atom.pdbx_stereo_config 
_chem_comp_atom.pdbx_ordinal 
CA  CA     CA N N 1   
DA  OP3    O  N N 2   
DA  P      P  N N 3   
DA  OP1    O  N N 4   
DA  OP2    O  N N 5   
DA  "O5'"  O  N N 6   
DA  "C5'"  C  N N 7   
DA  "C4'"  C  N R 8   
DA  "O4'"  O  N N 9   
DA  "C3'"  C  N S 10  
DA  "O3'"  O  N N 11  
DA  "C2'"  C  N N 12  
DA  "C1'"  C  N R 13  
DA  N9     N  Y N 14  
DA  C8     C  Y N 15  
DA  N7     N  Y N 16  
DA  C5     C  Y N 17  
DA  C6     C  Y N 18  
DA  N6     N  N N 19  
DA  N1     N  Y N 20  
DA  C2     C  Y N 21  
DA  N3     N  Y N 22  
DA  C4     C  Y N 23  
DA  HOP3   H  N N 24  
DA  HOP2   H  N N 25  
DA  "H5'"  H  N N 26  
DA  "H5''" H  N N 27  
DA  "H4'"  H  N N 28  
DA  "H3'"  H  N N 29  
DA  "HO3'" H  N N 30  
DA  "H2'"  H  N N 31  
DA  "H2''" H  N N 32  
DA  "H1'"  H  N N 33  
DA  H8     H  N N 34  
DA  H61    H  N N 35  
DA  H62    H  N N 36  
DA  H2     H  N N 37  
DC  OP3    O  N N 38  
DC  P      P  N N 39  
DC  OP1    O  N N 40  
DC  OP2    O  N N 41  
DC  "O5'"  O  N N 42  
DC  "C5'"  C  N N 43  
DC  "C4'"  C  N R 44  
DC  "O4'"  O  N N 45  
DC  "C3'"  C  N S 46  
DC  "O3'"  O  N N 47  
DC  "C2'"  C  N N 48  
DC  "C1'"  C  N R 49  
DC  N1     N  N N 50  
DC  C2     C  N N 51  
DC  O2     O  N N 52  
DC  N3     N  N N 53  
DC  C4     C  N N 54  
DC  N4     N  N N 55  
DC  C5     C  N N 56  
DC  C6     C  N N 57  
DC  HOP3   H  N N 58  
DC  HOP2   H  N N 59  
DC  "H5'"  H  N N 60  
DC  "H5''" H  N N 61  
DC  "H4'"  H  N N 62  
DC  "H3'"  H  N N 63  
DC  "HO3'" H  N N 64  
DC  "H2'"  H  N N 65  
DC  "H2''" H  N N 66  
DC  "H1'"  H  N N 67  
DC  H41    H  N N 68  
DC  H42    H  N N 69  
DC  H5     H  N N 70  
DC  H6     H  N N 71  
DG  OP3    O  N N 72  
DG  P      P  N N 73  
DG  OP1    O  N N 74  
DG  OP2    O  N N 75  
DG  "O5'"  O  N N 76  
DG  "C5'"  C  N N 77  
DG  "C4'"  C  N R 78  
DG  "O4'"  O  N N 79  
DG  "C3'"  C  N S 80  
DG  "O3'"  O  N N 81  
DG  "C2'"  C  N N 82  
DG  "C1'"  C  N R 83  
DG  N9     N  Y N 84  
DG  C8     C  Y N 85  
DG  N7     N  Y N 86  
DG  C5     C  Y N 87  
DG  C6     C  N N 88  
DG  O6     O  N N 89  
DG  N1     N  N N 90  
DG  C2     C  N N 91  
DG  N2     N  N N 92  
DG  N3     N  N N 93  
DG  C4     C  Y N 94  
DG  HOP3   H  N N 95  
DG  HOP2   H  N N 96  
DG  "H5'"  H  N N 97  
DG  "H5''" H  N N 98  
DG  "H4'"  H  N N 99  
DG  "H3'"  H  N N 100 
DG  "HO3'" H  N N 101 
DG  "H2'"  H  N N 102 
DG  "H2''" H  N N 103 
DG  "H1'"  H  N N 104 
DG  H8     H  N N 105 
DG  H1     H  N N 106 
DG  H21    H  N N 107 
DG  H22    H  N N 108 
DT  OP3    O  N N 109 
DT  P      P  N N 110 
DT  OP1    O  N N 111 
DT  OP2    O  N N 112 
DT  "O5'"  O  N N 113 
DT  "C5'"  C  N N 114 
DT  "C4'"  C  N R 115 
DT  "O4'"  O  N N 116 
DT  "C3'"  C  N S 117 
DT  "O3'"  O  N N 118 
DT  "C2'"  C  N N 119 
DT  "C1'"  C  N R 120 
DT  N1     N  N N 121 
DT  C2     C  N N 122 
DT  O2     O  N N 123 
DT  N3     N  N N 124 
DT  C4     C  N N 125 
DT  O4     O  N N 126 
DT  C5     C  N N 127 
DT  C7     C  N N 128 
DT  C6     C  N N 129 
DT  HOP3   H  N N 130 
DT  HOP2   H  N N 131 
DT  "H5'"  H  N N 132 
DT  "H5''" H  N N 133 
DT  "H4'"  H  N N 134 
DT  "H3'"  H  N N 135 
DT  "HO3'" H  N N 136 
DT  "H2'"  H  N N 137 
DT  "H2''" H  N N 138 
DT  "H1'"  H  N N 139 
DT  H3     H  N N 140 
DT  H71    H  N N 141 
DT  H72    H  N N 142 
DT  H73    H  N N 143 
DT  H6     H  N N 144 
HOH O      O  N N 145 
HOH H1     H  N N 146 
HOH H2     H  N N 147 
# 
loop_
_chem_comp_bond.comp_id 
_chem_comp_bond.atom_id_1 
_chem_comp_bond.atom_id_2 
_chem_comp_bond.value_order 
_chem_comp_bond.pdbx_aromatic_flag 
_chem_comp_bond.pdbx_stereo_config 
_chem_comp_bond.pdbx_ordinal 
DA  OP3   P      sing N N 1   
DA  OP3   HOP3   sing N N 2   
DA  P     OP1    doub N N 3   
DA  P     OP2    sing N N 4   
DA  P     "O5'"  sing N N 5   
DA  OP2   HOP2   sing N N 6   
DA  "O5'" "C5'"  sing N N 7   
DA  "C5'" "C4'"  sing N N 8   
DA  "C5'" "H5'"  sing N N 9   
DA  "C5'" "H5''" sing N N 10  
DA  "C4'" "O4'"  sing N N 11  
DA  "C4'" "C3'"  sing N N 12  
DA  "C4'" "H4'"  sing N N 13  
DA  "O4'" "C1'"  sing N N 14  
DA  "C3'" "O3'"  sing N N 15  
DA  "C3'" "C2'"  sing N N 16  
DA  "C3'" "H3'"  sing N N 17  
DA  "O3'" "HO3'" sing N N 18  
DA  "C2'" "C1'"  sing N N 19  
DA  "C2'" "H2'"  sing N N 20  
DA  "C2'" "H2''" sing N N 21  
DA  "C1'" N9     sing N N 22  
DA  "C1'" "H1'"  sing N N 23  
DA  N9    C8     sing Y N 24  
DA  N9    C4     sing Y N 25  
DA  C8    N7     doub Y N 26  
DA  C8    H8     sing N N 27  
DA  N7    C5     sing Y N 28  
DA  C5    C6     sing Y N 29  
DA  C5    C4     doub Y N 30  
DA  C6    N6     sing N N 31  
DA  C6    N1     doub Y N 32  
DA  N6    H61    sing N N 33  
DA  N6    H62    sing N N 34  
DA  N1    C2     sing Y N 35  
DA  C2    N3     doub Y N 36  
DA  C2    H2     sing N N 37  
DA  N3    C4     sing Y N 38  
DC  OP3   P      sing N N 39  
DC  OP3   HOP3   sing N N 40  
DC  P     OP1    doub N N 41  
DC  P     OP2    sing N N 42  
DC  P     "O5'"  sing N N 43  
DC  OP2   HOP2   sing N N 44  
DC  "O5'" "C5'"  sing N N 45  
DC  "C5'" "C4'"  sing N N 46  
DC  "C5'" "H5'"  sing N N 47  
DC  "C5'" "H5''" sing N N 48  
DC  "C4'" "O4'"  sing N N 49  
DC  "C4'" "C3'"  sing N N 50  
DC  "C4'" "H4'"  sing N N 51  
DC  "O4'" "C1'"  sing N N 52  
DC  "C3'" "O3'"  sing N N 53  
DC  "C3'" "C2'"  sing N N 54  
DC  "C3'" "H3'"  sing N N 55  
DC  "O3'" "HO3'" sing N N 56  
DC  "C2'" "C1'"  sing N N 57  
DC  "C2'" "H2'"  sing N N 58  
DC  "C2'" "H2''" sing N N 59  
DC  "C1'" N1     sing N N 60  
DC  "C1'" "H1'"  sing N N 61  
DC  N1    C2     sing N N 62  
DC  N1    C6     sing N N 63  
DC  C2    O2     doub N N 64  
DC  C2    N3     sing N N 65  
DC  N3    C4     doub N N 66  
DC  C4    N4     sing N N 67  
DC  C4    C5     sing N N 68  
DC  N4    H41    sing N N 69  
DC  N4    H42    sing N N 70  
DC  C5    C6     doub N N 71  
DC  C5    H5     sing N N 72  
DC  C6    H6     sing N N 73  
DG  OP3   P      sing N N 74  
DG  OP3   HOP3   sing N N 75  
DG  P     OP1    doub N N 76  
DG  P     OP2    sing N N 77  
DG  P     "O5'"  sing N N 78  
DG  OP2   HOP2   sing N N 79  
DG  "O5'" "C5'"  sing N N 80  
DG  "C5'" "C4'"  sing N N 81  
DG  "C5'" "H5'"  sing N N 82  
DG  "C5'" "H5''" sing N N 83  
DG  "C4'" "O4'"  sing N N 84  
DG  "C4'" "C3'"  sing N N 85  
DG  "C4'" "H4'"  sing N N 86  
DG  "O4'" "C1'"  sing N N 87  
DG  "C3'" "O3'"  sing N N 88  
DG  "C3'" "C2'"  sing N N 89  
DG  "C3'" "H3'"  sing N N 90  
DG  "O3'" "HO3'" sing N N 91  
DG  "C2'" "C1'"  sing N N 92  
DG  "C2'" "H2'"  sing N N 93  
DG  "C2'" "H2''" sing N N 94  
DG  "C1'" N9     sing N N 95  
DG  "C1'" "H1'"  sing N N 96  
DG  N9    C8     sing Y N 97  
DG  N9    C4     sing Y N 98  
DG  C8    N7     doub Y N 99  
DG  C8    H8     sing N N 100 
DG  N7    C5     sing Y N 101 
DG  C5    C6     sing N N 102 
DG  C5    C4     doub Y N 103 
DG  C6    O6     doub N N 104 
DG  C6    N1     sing N N 105 
DG  N1    C2     sing N N 106 
DG  N1    H1     sing N N 107 
DG  C2    N2     sing N N 108 
DG  C2    N3     doub N N 109 
DG  N2    H21    sing N N 110 
DG  N2    H22    sing N N 111 
DG  N3    C4     sing N N 112 
DT  OP3   P      sing N N 113 
DT  OP3   HOP3   sing N N 114 
DT  P     OP1    doub N N 115 
DT  P     OP2    sing N N 116 
DT  P     "O5'"  sing N N 117 
DT  OP2   HOP2   sing N N 118 
DT  "O5'" "C5'"  sing N N 119 
DT  "C5'" "C4'"  sing N N 120 
DT  "C5'" "H5'"  sing N N 121 
DT  "C5'" "H5''" sing N N 122 
DT  "C4'" "O4'"  sing N N 123 
DT  "C4'" "C3'"  sing N N 124 
DT  "C4'" "H4'"  sing N N 125 
DT  "O4'" "C1'"  sing N N 126 
DT  "C3'" "O3'"  sing N N 127 
DT  "C3'" "C2'"  sing N N 128 
DT  "C3'" "H3'"  sing N N 129 
DT  "O3'" "HO3'" sing N N 130 
DT  "C2'" "C1'"  sing N N 131 
DT  "C2'" "H2'"  sing N N 132 
DT  "C2'" "H2''" sing N N 133 
DT  "C1'" N1     sing N N 134 
DT  "C1'" "H1'"  sing N N 135 
DT  N1    C2     sing N N 136 
DT  N1    C6     sing N N 137 
DT  C2    O2     doub N N 138 
DT  C2    N3     sing N N 139 
DT  N3    C4     sing N N 140 
DT  N3    H3     sing N N 141 
DT  C4    O4     doub N N 142 
DT  C4    C5     sing N N 143 
DT  C5    C7     sing N N 144 
DT  C5    C6     doub N N 145 
DT  C7    H71    sing N N 146 
DT  C7    H72    sing N N 147 
DT  C7    H73    sing N N 148 
DT  C6    H6     sing N N 149 
HOH O     H1     sing N N 150 
HOH O     H2     sing N N 151 
# 
_ndb_struct_conf_na.entry_id   477D 
_ndb_struct_conf_na.feature    'b-form double helix' 
# 
loop_
_ndb_struct_na_base_pair.model_number 
_ndb_struct_na_base_pair.i_label_asym_id 
_ndb_struct_na_base_pair.i_label_comp_id 
_ndb_struct_na_base_pair.i_label_seq_id 
_ndb_struct_na_base_pair.i_symmetry 
_ndb_struct_na_base_pair.j_label_asym_id 
_ndb_struct_na_base_pair.j_label_comp_id 
_ndb_struct_na_base_pair.j_label_seq_id 
_ndb_struct_na_base_pair.j_symmetry 
_ndb_struct_na_base_pair.shear 
_ndb_struct_na_base_pair.stretch 
_ndb_struct_na_base_pair.stagger 
_ndb_struct_na_base_pair.buckle 
_ndb_struct_na_base_pair.propeller 
_ndb_struct_na_base_pair.opening 
_ndb_struct_na_base_pair.pair_number 
_ndb_struct_na_base_pair.pair_name 
_ndb_struct_na_base_pair.i_auth_asym_id 
_ndb_struct_na_base_pair.i_auth_seq_id 
_ndb_struct_na_base_pair.i_PDB_ins_code 
_ndb_struct_na_base_pair.j_auth_asym_id 
_ndb_struct_na_base_pair.j_auth_seq_id 
_ndb_struct_na_base_pair.j_PDB_ins_code 
_ndb_struct_na_base_pair.hbond_type_28 
_ndb_struct_na_base_pair.hbond_type_12 
1 A DG 2  1_555 B DC 11 1_555 -0.334 -0.158 0.066  -11.801 -0.609  -2.280 1  A_DG2:DC23_B  A 2  ? B 23 ? 19 1 
1 A DC 3  1_555 B DG 10 1_555 0.153  -0.162 0.135  -4.921  1.660   -1.418 2  A_DC3:DG22_B  A 3  ? B 22 ? 19 1 
1 A DG 4  1_555 B DC 9  1_555 -0.343 -0.133 -0.238 5.770   -16.643 1.576  3  A_DG4:DC21_B  A 4  ? B 21 ? 19 1 
1 A DA 5  1_555 B DT 8  1_555 0.070  -0.080 -0.202 7.884   -11.293 3.753  4  A_DA5:DT20_B  A 5  ? B 20 ? 20 1 
1 A DA 6  1_555 B DT 7  1_555 -0.015 -0.088 -0.193 1.169   -12.611 3.796  5  A_DA6:DT19_B  A 6  ? B 19 ? 20 1 
1 A DT 7  1_555 B DA 6  1_555 0.189  -0.068 -0.067 3.238   -16.518 7.065  6  A_DT7:DA18_B  A 7  ? B 18 ? 20 1 
1 A DT 8  1_555 B DA 5  1_555 -0.075 -0.017 -0.032 -0.314  -14.692 4.371  7  A_DT8:DA17_B  A 8  ? B 17 ? 20 1 
1 A DC 9  1_555 B DG 4  1_555 0.385  -0.081 0.219  -14.399 -11.381 3.090  8  A_DC9:DG16_B  A 9  ? B 16 ? 19 1 
1 A DG 10 1_555 B DC 3  1_555 -0.476 -0.115 0.228  1.624   1.858   1.350  9  A_DG10:DC15_B A 10 ? B 15 ? 19 1 
1 A DC 11 1_555 B DG 2  1_555 0.375  -0.070 0.079  10.898  0.345   -0.497 10 A_DC11:DG14_B A 11 ? B 14 ? 19 1 
# 
loop_
_ndb_struct_na_base_pair_step.model_number 
_ndb_struct_na_base_pair_step.i_label_asym_id_1 
_ndb_struct_na_base_pair_step.i_label_comp_id_1 
_ndb_struct_na_base_pair_step.i_label_seq_id_1 
_ndb_struct_na_base_pair_step.i_symmetry_1 
_ndb_struct_na_base_pair_step.j_label_asym_id_1 
_ndb_struct_na_base_pair_step.j_label_comp_id_1 
_ndb_struct_na_base_pair_step.j_label_seq_id_1 
_ndb_struct_na_base_pair_step.j_symmetry_1 
_ndb_struct_na_base_pair_step.i_label_asym_id_2 
_ndb_struct_na_base_pair_step.i_label_comp_id_2 
_ndb_struct_na_base_pair_step.i_label_seq_id_2 
_ndb_struct_na_base_pair_step.i_symmetry_2 
_ndb_struct_na_base_pair_step.j_label_asym_id_2 
_ndb_struct_na_base_pair_step.j_label_comp_id_2 
_ndb_struct_na_base_pair_step.j_label_seq_id_2 
_ndb_struct_na_base_pair_step.j_symmetry_2 
_ndb_struct_na_base_pair_step.shift 
_ndb_struct_na_base_pair_step.slide 
_ndb_struct_na_base_pair_step.rise 
_ndb_struct_na_base_pair_step.tilt 
_ndb_struct_na_base_pair_step.roll 
_ndb_struct_na_base_pair_step.twist 
_ndb_struct_na_base_pair_step.x_displacement 
_ndb_struct_na_base_pair_step.y_displacement 
_ndb_struct_na_base_pair_step.helical_rise 
_ndb_struct_na_base_pair_step.inclination 
_ndb_struct_na_base_pair_step.tip 
_ndb_struct_na_base_pair_step.helical_twist 
_ndb_struct_na_base_pair_step.step_number 
_ndb_struct_na_base_pair_step.step_name 
_ndb_struct_na_base_pair_step.i_auth_asym_id_1 
_ndb_struct_na_base_pair_step.i_auth_seq_id_1 
_ndb_struct_na_base_pair_step.i_PDB_ins_code_1 
_ndb_struct_na_base_pair_step.j_auth_asym_id_1 
_ndb_struct_na_base_pair_step.j_auth_seq_id_1 
_ndb_struct_na_base_pair_step.j_PDB_ins_code_1 
_ndb_struct_na_base_pair_step.i_auth_asym_id_2 
_ndb_struct_na_base_pair_step.i_auth_seq_id_2 
_ndb_struct_na_base_pair_step.i_PDB_ins_code_2 
_ndb_struct_na_base_pair_step.j_auth_asym_id_2 
_ndb_struct_na_base_pair_step.j_auth_seq_id_2 
_ndb_struct_na_base_pair_step.j_PDB_ins_code_2 
1 A DG 2  1_555 B DC 11 1_555 A DC 3  1_555 B DG 10 1_555 0.829  0.357  3.225 -0.398 -5.330 36.201 1.286  -1.374 3.134 -8.521 
0.637  36.580 1 AA_DG2DC3:DG22DC23_BB   A 2  ? B 23 ? A 3  ? B 22 ? 
1 A DC 3  1_555 B DG 10 1_555 A DG 4  1_555 B DC 9  1_555 -0.322 0.788  3.174 3.725  8.726  26.034 -0.475 1.580  3.191 18.601 
-7.940 27.681 2 AA_DC3DG4:DC21DG22_BB   A 3  ? B 22 ? A 4  ? B 21 ? 
1 A DG 4  1_555 B DC 9  1_555 A DA 5  1_555 B DT 8  1_555 -0.161 0.038  3.118 -2.218 2.026  38.184 -0.184 -0.020 3.120 3.091  
3.385  38.298 3 AA_DG4DA5:DT20DC21_BB   A 4  ? B 21 ? A 5  ? B 20 ? 
1 A DA 5  1_555 B DT 8  1_555 A DA 6  1_555 B DT 7  1_555 -0.301 0.006  3.312 -1.558 -0.594 39.219 0.080  0.260  3.321 -0.885 
2.320  39.253 4 AA_DA5DA6:DT19DT20_BB   A 5  ? B 20 ? A 6  ? B 19 ? 
1 A DA 6  1_555 B DT 7  1_555 A DT 7  1_555 B DA 6  1_555 0.004  -0.438 3.191 -0.140 -2.256 36.266 -0.394 -0.025 3.212 -3.620 
0.225  36.334 5 AA_DA6DT7:DA18DT19_BB   A 6  ? B 19 ? A 7  ? B 18 ? 
1 A DT 7  1_555 B DA 6  1_555 A DT 8  1_555 B DA 5  1_555 0.243  -0.098 3.285 0.999  -0.143 35.278 -0.141 -0.251 3.291 -0.236 
-1.648 35.292 6 AA_DT7DT8:DA17DA18_BB   A 7  ? B 18 ? A 8  ? B 17 ? 
1 A DT 8  1_555 B DA 5  1_555 A DC 9  1_555 B DG 4  1_555 0.124  -0.025 3.572 -1.770 1.165  40.918 -0.174 -0.389 3.562 1.665  
2.530  40.970 7 AA_DT8DC9:DG16DA17_BB   A 8  ? B 17 ? A 9  ? B 16 ? 
1 A DC 9  1_555 B DG 4  1_555 A DG 10 1_555 B DC 3  1_555 0.229  0.745  3.026 -1.675 6.188  24.235 -0.027 -1.001 3.095 14.418 
3.903  25.056 8 AA_DC9DG10:DC15DG16_BB  A 9  ? B 16 ? A 10 ? B 15 ? 
1 A DG 10 1_555 B DC 3  1_555 A DC 11 1_555 B DG 2  1_555 -0.822 0.467  3.249 0.138  -6.403 38.884 1.438  1.236  3.133 -9.539 
-0.206 39.387 9 AA_DG10DC11:DG14DC15_BB A 10 ? B 15 ? A 11 ? B 14 ? 
# 
_atom_sites.entry_id                    477D 
_atom_sites.fract_transf_matrix[1][1]   0.01296509 
_atom_sites.fract_transf_matrix[1][2]   0.02293529 
_atom_sites.fract_transf_matrix[1][3]   0.00788010 
_atom_sites.fract_transf_matrix[2][1]   0.02536439 
_atom_sites.fract_transf_matrix[2][2]   -0.00146702 
_atom_sites.fract_transf_matrix[2][3]   0.01052096 
_atom_sites.fract_transf_matrix[3][1]   0.00387851 
_atom_sites.fract_transf_matrix[3][2]   0.00097351 
_atom_sites.fract_transf_matrix[3][3]   -0.00921474 
_atom_sites.fract_transf_vector[1]      1.017509 
_atom_sites.fract_transf_vector[2]      0.312132 
_atom_sites.fract_transf_vector[3]      -0.003565 
# 
loop_
_atom_type.symbol 
C  
CA 
N  
O  
P  
# 
loop_
_atom_site.group_PDB 
_atom_site.id 
_atom_site.type_symbol 
_atom_site.label_atom_id 
_atom_site.label_alt_id 
_atom_site.label_comp_id 
_atom_site.label_asym_id 
_atom_site.label_entity_id 
_atom_site.label_seq_id 
_atom_site.pdbx_PDB_ins_code 
_atom_site.Cartn_x 
_atom_site.Cartn_y 
_atom_site.Cartn_z 
_atom_site.occupancy 
_atom_site.B_iso_or_equiv 
_atom_site.pdbx_formal_charge 
_atom_site.auth_seq_id 
_atom_site.auth_comp_id 
_atom_site.auth_asym_id 
_atom_site.auth_atom_id 
_atom_site.pdbx_PDB_model_num 
ATOM   1   O  "O3'" . DG  A 1 1  ? 13.276  6.665   -13.029 1.00 48.17 ? 1   DG  A "O3'" 1 
ATOM   2   P  P     . DG  A 1 2  ? 12.220  6.477   -11.831 1.00 47.17 ? 2   DG  A P     1 
ATOM   3   O  OP1   . DG  A 1 2  ? 12.275  7.686   -10.955 1.00 48.18 ? 2   DG  A OP1   1 
ATOM   4   O  OP2   . DG  A 1 2  ? 12.424  5.129   -11.240 1.00 46.12 ? 2   DG  A OP2   1 
ATOM   5   O  "O5'" . DG  A 1 2  ? 10.811  6.515   -12.568 1.00 42.52 ? 2   DG  A "O5'" 1 
ATOM   6   C  "C5'" . DG  A 1 2  ? 10.555  7.461   -13.610 1.00 37.63 ? 2   DG  A "C5'" 1 
ATOM   7   C  "C4'" . DG  A 1 2  ? 9.106   7.875   -13.564 1.00 35.02 ? 2   DG  A "C4'" 1 
ATOM   8   O  "O4'" . DG  A 1 2  ? 8.290   6.705   -13.721 1.00 30.71 ? 2   DG  A "O4'" 1 
ATOM   9   C  "C3'" . DG  A 1 2  ? 8.670   8.510   -12.250 1.00 32.75 ? 2   DG  A "C3'" 1 
ATOM   10  O  "O3'" . DG  A 1 2  ? 7.704   9.483   -12.624 1.00 34.13 ? 2   DG  A "O3'" 1 
ATOM   11  C  "C2'" . DG  A 1 2  ? 8.063   7.349   -11.474 1.00 31.96 ? 2   DG  A "C2'" 1 
ATOM   12  C  "C1'" . DG  A 1 2  ? 7.494   6.457   -12.569 1.00 28.67 ? 2   DG  A "C1'" 1 
ATOM   13  N  N9    . DG  A 1 2  ? 7.561   5.021   -12.322 1.00 25.69 ? 2   DG  A N9    1 
ATOM   14  C  C8    . DG  A 1 2  ? 8.630   4.321   -11.815 1.00 26.26 ? 2   DG  A C8    1 
ATOM   15  N  N7    . DG  A 1 2  ? 8.482   3.026   -11.902 1.00 23.72 ? 2   DG  A N7    1 
ATOM   16  C  C5    . DG  A 1 2  ? 7.216   2.863   -12.451 1.00 23.19 ? 2   DG  A C5    1 
ATOM   17  C  C6    . DG  A 1 2  ? 6.533   1.699   -12.826 1.00 24.98 ? 2   DG  A C6    1 
ATOM   18  O  O6    . DG  A 1 2  ? 6.934   0.521   -12.786 1.00 26.90 ? 2   DG  A O6    1 
ATOM   19  N  N1    . DG  A 1 2  ? 5.261   1.985   -13.317 1.00 21.80 ? 2   DG  A N1    1 
ATOM   20  C  C2    . DG  A 1 2  ? 4.727   3.243   -13.451 1.00 22.88 ? 2   DG  A C2    1 
ATOM   21  N  N2    . DG  A 1 2  ? 3.450   3.328   -13.919 1.00 20.46 ? 2   DG  A N2    1 
ATOM   22  N  N3    . DG  A 1 2  ? 5.374   4.339   -13.147 1.00 23.38 ? 2   DG  A N3    1 
ATOM   23  C  C4    . DG  A 1 2  ? 6.609   4.081   -12.659 1.00 24.11 ? 2   DG  A C4    1 
ATOM   24  P  P     . DC  A 1 3  ? 7.042   10.426  -11.527 1.00 32.27 ? 3   DC  A P     1 
ATOM   25  O  OP1   . DC  A 1 3  ? 6.615   11.592  -12.327 1.00 32.78 ? 3   DC  A OP1   1 
ATOM   26  O  OP2   . DC  A 1 3  ? 7.885   10.598  -10.335 1.00 30.79 ? 3   DC  A OP2   1 
ATOM   27  O  "O5'" . DC  A 1 3  ? 5.730   9.634   -11.085 1.00 31.83 ? 3   DC  A "O5'" 1 
ATOM   28  C  "C5'" . DC  A 1 3  ? 4.670   9.469   -12.004 1.00 30.14 ? 3   DC  A "C5'" 1 
ATOM   29  C  "C4'" . DC  A 1 3  ? 3.705   8.419   -11.504 1.00 29.17 ? 3   DC  A "C4'" 1 
ATOM   30  O  "O4'" . DC  A 1 3  ? 4.338   7.122   -11.452 1.00 26.64 ? 3   DC  A "O4'" 1 
ATOM   31  C  "C3'" . DC  A 1 3  ? 3.192   8.634   -10.091 1.00 27.53 ? 3   DC  A "C3'" 1 
ATOM   32  O  "O3'" . DC  A 1 3  ? 2.099   9.568   -10.151 1.00 28.86 ? 3   DC  A "O3'" 1 
ATOM   33  C  "C2'" . DC  A 1 3  ? 2.761   7.235   -9.677  1.00 28.28 ? 3   DC  A "C2'" 1 
ATOM   34  C  "C1'" . DC  A 1 3  ? 3.536   6.300   -10.623 1.00 26.88 ? 3   DC  A "C1'" 1 
ATOM   35  N  N1    . DC  A 1 3  ? 4.387   5.215   -10.073 1.00 27.10 ? 3   DC  A N1    1 
ATOM   36  C  C2    . DC  A 1 3  ? 3.984   3.910   -10.296 1.00 26.28 ? 3   DC  A C2    1 
ATOM   37  O  O2    . DC  A 1 3  ? 2.901   3.711   -10.869 1.00 24.62 ? 3   DC  A O2    1 
ATOM   38  N  N3    . DC  A 1 3  ? 4.762   2.888   -9.884  1.00 26.03 ? 3   DC  A N3    1 
ATOM   39  C  C4    . DC  A 1 3  ? 5.901   3.139   -9.246  1.00 28.37 ? 3   DC  A C4    1 
ATOM   40  N  N4    . DC  A 1 3  ? 6.654   2.086   -8.890  1.00 28.85 ? 3   DC  A N4    1 
ATOM   41  C  C5    . DC  A 1 3  ? 6.323   4.470   -8.955  1.00 28.51 ? 3   DC  A C5    1 
ATOM   42  C  C6    . DC  A 1 3  ? 5.545   5.475   -9.394  1.00 27.49 ? 3   DC  A C6    1 
ATOM   43  P  P     . DG  A 1 4  ? 1.181   9.814   -8.868  1.00 30.31 ? 4   DG  A P     1 
ATOM   44  O  OP1   . DG  A 1 4  ? 0.444   11.071  -9.097  1.00 30.53 ? 4   DG  A OP1   1 
ATOM   45  O  OP2   . DG  A 1 4  ? 1.914   9.594   -7.607  1.00 31.12 ? 4   DG  A OP2   1 
ATOM   46  O  "O5'" . DG  A 1 4  ? 0.098   8.647   -8.970  1.00 26.96 ? 4   DG  A "O5'" 1 
ATOM   47  C  "C5'" . DG  A 1 4  ? -0.616  8.450   -10.180 1.00 26.51 ? 4   DG  A "C5'" 1 
ATOM   48  C  "C4'" . DG  A 1 4  ? -1.459  7.200   -10.073 1.00 24.13 ? 4   DG  A "C4'" 1 
ATOM   49  O  "O4'" . DG  A 1 4  ? -0.591  6.063   -9.829  1.00 22.43 ? 4   DG  A "O4'" 1 
ATOM   50  C  "C3'" . DG  A 1 4  ? -2.441  7.237   -8.907  1.00 22.17 ? 4   DG  A "C3'" 1 
ATOM   51  O  "O3'" . DG  A 1 4  ? -3.607  6.527   -9.313  1.00 23.12 ? 4   DG  A "O3'" 1 
ATOM   52  C  "C2'" . DG  A 1 4  ? -1.717  6.470   -7.817  1.00 23.99 ? 4   DG  A "C2'" 1 
ATOM   53  C  "C1'" . DG  A 1 4  ? -0.920  5.449   -8.608  1.00 23.24 ? 4   DG  A "C1'" 1 
ATOM   54  N  N9    . DG  A 1 4  ? 0.322   4.993   -7.991  1.00 21.92 ? 4   DG  A N9    1 
ATOM   55  C  C8    . DG  A 1 4  ? 1.243   5.716   -7.285  1.00 24.79 ? 4   DG  A C8    1 
ATOM   56  N  N7    . DG  A 1 4  ? 2.257   4.992   -6.882  1.00 24.30 ? 4   DG  A N7    1 
ATOM   57  C  C5    . DG  A 1 4  ? 1.978   3.719   -7.356  1.00 21.22 ? 4   DG  A C5    1 
ATOM   58  C  C6    . DG  A 1 4  ? 2.709   2.512   -7.241  1.00 23.21 ? 4   DG  A C6    1 
ATOM   59  O  O6    . DG  A 1 4  ? 3.823   2.327   -6.729  1.00 23.97 ? 4   DG  A O6    1 
ATOM   60  N  N1    . DG  A 1 4  ? 2.036   1.451   -7.821  1.00 21.55 ? 4   DG  A N1    1 
ATOM   61  C  C2    . DG  A 1 4  ? 0.848   1.545   -8.478  1.00 22.88 ? 4   DG  A C2    1 
ATOM   62  N  N2    . DG  A 1 4  ? 0.376   0.402   -9.010  1.00 20.72 ? 4   DG  A N2    1 
ATOM   63  N  N3    . DG  A 1 4  ? 0.172   2.674   -8.621  1.00 21.34 ? 4   DG  A N3    1 
ATOM   64  C  C4    . DG  A 1 4  ? 0.787   3.705   -8.030  1.00 22.48 ? 4   DG  A C4    1 
ATOM   65  P  P     . DA  A 1 5  ? -4.832  6.354   -8.323  1.00 20.68 ? 5   DA  A P     1 
ATOM   66  O  OP1   . DA  A 1 5  ? -6.030  6.508   -9.197  1.00 24.55 ? 5   DA  A OP1   1 
ATOM   67  O  OP2   . DA  A 1 5  ? -4.694  7.217   -7.086  1.00 25.13 ? 5   DA  A OP2   1 
ATOM   68  O  "O5'" . DA  A 1 5  ? -4.775  4.805   -7.963  1.00 23.71 ? 5   DA  A "O5'" 1 
ATOM   69  C  "C5'" . DA  A 1 5  ? -5.032  3.849   -9.003  1.00 23.46 ? 5   DA  A "C5'" 1 
ATOM   70  C  "C4'" . DA  A 1 5  ? -4.973  2.444   -8.464  1.00 25.50 ? 5   DA  A "C4'" 1 
ATOM   71  O  "O4'" . DA  A 1 5  ? -3.642  2.195   -7.982  1.00 24.34 ? 5   DA  A "O4'" 1 
ATOM   72  C  "C3'" . DA  A 1 5  ? -5.911  2.163   -7.290  1.00 26.37 ? 5   DA  A "C3'" 1 
ATOM   73  O  "O3'" . DA  A 1 5  ? -6.431  0.841   -7.431  1.00 27.99 ? 5   DA  A "O3'" 1 
ATOM   74  C  "C2'" . DA  A 1 5  ? -4.997  2.237   -6.078  1.00 26.75 ? 5   DA  A "C2'" 1 
ATOM   75  C  "C1'" . DA  A 1 5  ? -3.687  1.743   -6.647  1.00 25.52 ? 5   DA  A "C1'" 1 
ATOM   76  N  N9    . DA  A 1 5  ? -2.499  2.254   -5.984  1.00 24.51 ? 5   DA  A N9    1 
ATOM   77  C  C8    . DA  A 1 5  ? -2.215  3.533   -5.601  1.00 24.94 ? 5   DA  A C8    1 
ATOM   78  N  N7    . DA  A 1 5  ? -1.015  3.673   -5.090  1.00 23.88 ? 5   DA  A N7    1 
ATOM   79  C  C5    . DA  A 1 5  ? -0.493  2.392   -5.126  1.00 22.90 ? 5   DA  A C5    1 
ATOM   80  C  C6    . DA  A 1 5  ? 0.736   1.875   -4.743  1.00 23.53 ? 5   DA  A C6    1 
ATOM   81  N  N6    . DA  A 1 5  ? 1.690   2.615   -4.195  1.00 24.92 ? 5   DA  A N6    1 
ATOM   82  N  N1    . DA  A 1 5  ? 0.955   0.553   -4.935  1.00 23.11 ? 5   DA  A N1    1 
ATOM   83  C  C2    . DA  A 1 5  ? -0.018  -0.185  -5.458  1.00 22.59 ? 5   DA  A C2    1 
ATOM   84  N  N3    . DA  A 1 5  ? -1.226  0.189   -5.858  1.00 24.72 ? 5   DA  A N3    1 
ATOM   85  C  C4    . DA  A 1 5  ? -1.401  1.507   -5.661  1.00 23.56 ? 5   DA  A C4    1 
ATOM   86  P  P     . DA  A 1 6  ? -7.522  0.306   -6.392  1.00 27.23 ? 6   DA  A P     1 
ATOM   87  O  OP1   . DA  A 1 6  ? -8.698  -0.075  -7.191  1.00 26.58 ? 6   DA  A OP1   1 
ATOM   88  O  OP2   . DA  A 1 6  ? -7.644  1.287   -5.292  1.00 26.29 ? 6   DA  A OP2   1 
ATOM   89  O  "O5'" . DA  A 1 6  ? -6.848  -1.011  -5.810  1.00 26.95 ? 6   DA  A "O5'" 1 
ATOM   90  C  "C5'" . DA  A 1 6  ? -6.313  -1.979  -6.698  1.00 26.08 ? 6   DA  A "C5'" 1 
ATOM   91  C  "C4'" . DA  A 1 6  ? -5.516  -3.013  -5.938  1.00 25.58 ? 6   DA  A "C4'" 1 
ATOM   92  O  "O4'" . DA  A 1 6  ? -4.278  -2.427  -5.453  1.00 26.86 ? 6   DA  A "O4'" 1 
ATOM   93  C  "C3'" . DA  A 1 6  ? -6.219  -3.617  -4.721  1.00 28.35 ? 6   DA  A "C3'" 1 
ATOM   94  O  "O3'" . DA  A 1 6  ? -5.868  -5.017  -4.660  1.00 31.27 ? 6   DA  A "O3'" 1 
ATOM   95  C  "C2'" . DA  A 1 6  ? -5.591  -2.869  -3.552  1.00 26.89 ? 6   DA  A "C2'" 1 
ATOM   96  C  "C1'" . DA  A 1 6  ? -4.180  -2.579  -4.038  1.00 25.85 ? 6   DA  A "C1'" 1 
ATOM   97  N  N9    . DA  A 1 6  ? -3.581  -1.346  -3.506  1.00 24.51 ? 6   DA  A N9    1 
ATOM   98  C  C8    . DA  A 1 6  ? -4.139  -0.088  -3.492  1.00 24.19 ? 6   DA  A C8    1 
ATOM   99  N  N7    . DA  A 1 6  ? -3.348  0.829   -3.000  1.00 24.57 ? 6   DA  A N7    1 
ATOM   100 C  C5    . DA  A 1 6  ? -2.200  0.128   -2.642  1.00 24.26 ? 6   DA  A C5    1 
ATOM   101 C  C6    . DA  A 1 6  ? -0.975  0.533   -2.067  1.00 25.33 ? 6   DA  A C6    1 
ATOM   102 N  N6    . DA  A 1 6  ? -0.688  1.787   -1.713  1.00 24.28 ? 6   DA  A N6    1 
ATOM   103 N  N1    . DA  A 1 6  ? -0.035  -0.415  -1.863  1.00 25.36 ? 6   DA  A N1    1 
ATOM   104 C  C2    . DA  A 1 6  ? -0.310  -1.670  -2.219  1.00 25.79 ? 6   DA  A C2    1 
ATOM   105 N  N3    . DA  A 1 6  ? -1.412  -2.168  -2.760  1.00 24.11 ? 6   DA  A N3    1 
ATOM   106 C  C4    . DA  A 1 6  ? -2.333  -1.208  -2.949  1.00 24.21 ? 6   DA  A C4    1 
ATOM   107 P  P     . DT  A 1 7  ? -6.474  -5.960  -3.503  1.00 33.54 ? 7   DT  A P     1 
ATOM   108 O  OP1   . DT  A 1 7  ? -6.812  -7.245  -4.156  1.00 36.15 ? 7   DT  A OP1   1 
ATOM   109 O  OP2   . DT  A 1 7  ? -7.511  -5.238  -2.732  1.00 33.58 ? 7   DT  A OP2   1 
ATOM   110 O  "O5'" . DT  A 1 7  ? -5.218  -6.227  -2.558  1.00 31.87 ? 7   DT  A "O5'" 1 
ATOM   111 C  "C5'" . DT  A 1 7  ? -3.904  -6.322  -3.118  1.00 33.11 ? 7   DT  A "C5'" 1 
ATOM   112 C  "C4'" . DT  A 1 7  ? -2.867  -6.485  -2.031  1.00 35.18 ? 7   DT  A "C4'" 1 
ATOM   113 O  "O4'" . DT  A 1 7  ? -2.325  -5.211  -1.591  1.00 32.99 ? 7   DT  A "O4'" 1 
ATOM   114 C  "C3'" . DT  A 1 7  ? -3.326  -7.225  -0.773  1.00 34.60 ? 7   DT  A "C3'" 1 
ATOM   115 O  "O3'" . DT  A 1 7  ? -2.341  -8.188  -0.426  1.00 39.34 ? 7   DT  A "O3'" 1 
ATOM   116 C  "C2'" . DT  A 1 7  ? -3.420  -6.123  0.274   1.00 33.04 ? 7   DT  A "C2'" 1 
ATOM   117 C  "C1'" . DT  A 1 7  ? -2.370  -5.103  -0.178  1.00 31.28 ? 7   DT  A "C1'" 1 
ATOM   118 N  N1    . DT  A 1 7  ? -2.675  -3.676  0.141   1.00 29.99 ? 7   DT  A N1    1 
ATOM   119 C  C2    . DT  A 1 7  ? -1.669  -2.889  0.640   1.00 29.50 ? 7   DT  A C2    1 
ATOM   120 O  O2    . DT  A 1 7  ? -0.580  -3.338  0.965   1.00 31.79 ? 7   DT  A O2    1 
ATOM   121 N  N3    . DT  A 1 7  ? -1.998  -1.553  0.786   1.00 27.84 ? 7   DT  A N3    1 
ATOM   122 C  C4    . DT  A 1 7  ? -3.227  -0.969  0.547   1.00 29.63 ? 7   DT  A C4    1 
ATOM   123 O  O4    . DT  A 1 7  ? -3.388  0.242   0.722   1.00 28.88 ? 7   DT  A O4    1 
ATOM   124 C  C5    . DT  A 1 7  ? -4.253  -1.864  0.099   1.00 29.72 ? 7   DT  A C5    1 
ATOM   125 C  C7    . DT  A 1 7  ? -5.626  -1.314  -0.141  1.00 30.96 ? 7   DT  A C7    1 
ATOM   126 C  C6    . DT  A 1 7  ? -3.930  -3.158  -0.091  1.00 29.87 ? 7   DT  A C6    1 
ATOM   127 P  P     . DT  A 1 8  ? -2.608  -9.198  0.786   1.00 39.74 ? 8   DT  A P     1 
ATOM   128 O  OP1   . DT  A 1 8  ? -2.046  -10.515 0.378   1.00 43.97 ? 8   DT  A OP1   1 
ATOM   129 O  OP2   . DT  A 1 8  ? -4.024  -9.097  1.193   1.00 39.97 ? 8   DT  A OP2   1 
ATOM   130 O  "O5'" . DT  A 1 8  ? -1.688  -8.583  1.924   1.00 39.41 ? 8   DT  A "O5'" 1 
ATOM   131 C  "C5'" . DT  A 1 8  ? -0.386  -8.114  1.583   1.00 37.02 ? 8   DT  A "C5'" 1 
ATOM   132 C  "C4'" . DT  A 1 8  ? 0.239   -7.373  2.737   1.00 38.09 ? 8   DT  A "C4'" 1 
ATOM   133 O  "O4'" . DT  A 1 8  ? -0.144  -5.979  2.809   1.00 36.94 ? 8   DT  A "O4'" 1 
ATOM   134 C  "C3'" . DT  A 1 8  ? 0.019   -7.968  4.124   1.00 37.08 ? 8   DT  A "C3'" 1 
ATOM   135 O  "O3'" . DT  A 1 8  ? 1.296   -8.048  4.742   1.00 39.46 ? 8   DT  A "O3'" 1 
ATOM   136 C  "C2'" . DT  A 1 8  ? -0.887  -6.952  4.811   1.00 37.42 ? 8   DT  A "C2'" 1 
ATOM   137 C  "C1'" . DT  A 1 8  ? -0.488  -5.629  4.147   1.00 34.84 ? 8   DT  A "C1'" 1 
ATOM   138 N  N1    . DT  A 1 8  ? -1.530  -4.553  4.085   1.00 31.70 ? 8   DT  A N1    1 
ATOM   139 C  C2    . DT  A 1 8  ? -1.129  -3.270  4.381   1.00 31.98 ? 8   DT  A C2    1 
ATOM   140 O  O2    . DT  A 1 8  ? -0.006  -2.999  4.739   1.00 30.71 ? 8   DT  A O2    1 
ATOM   141 N  N3    . DT  A 1 8  ? -2.101  -2.308  4.240   1.00 29.79 ? 8   DT  A N3    1 
ATOM   142 C  C4    . DT  A 1 8  ? -3.400  -2.497  3.857   1.00 30.10 ? 8   DT  A C4    1 
ATOM   143 O  O4    . DT  A 1 8  ? -4.143  -1.532  3.756   1.00 29.06 ? 8   DT  A O4    1 
ATOM   144 C  C5    . DT  A 1 8  ? -3.774  -3.876  3.598   1.00 29.87 ? 8   DT  A C5    1 
ATOM   145 C  C7    . DT  A 1 8  ? -5.190  -4.183  3.216   1.00 30.93 ? 8   DT  A C7    1 
ATOM   146 C  C6    . DT  A 1 8  ? -2.829  -4.818  3.723   1.00 30.07 ? 8   DT  A C6    1 
ATOM   147 P  P     . DC  A 1 9  ? 1.453   -8.771  6.161   1.00 41.58 ? 9   DC  A P     1 
ATOM   148 O  OP1   . DC  A 1 9  ? 2.597   -9.699  6.063   1.00 40.46 ? 9   DC  A OP1   1 
ATOM   149 O  OP2   . DC  A 1 9  ? 0.110   -9.266  6.619   1.00 39.42 ? 9   DC  A OP2   1 
ATOM   150 O  "O5'" . DC  A 1 9  ? 1.891   -7.553  7.086   1.00 41.24 ? 9   DC  A "O5'" 1 
ATOM   151 C  "C5'" . DC  A 1 9  ? 2.819   -6.590  6.593   1.00 40.91 ? 9   DC  A "C5'" 1 
ATOM   152 C  "C4'" . DC  A 1 9  ? 2.772   -5.325  7.416   1.00 42.29 ? 9   DC  A "C4'" 1 
ATOM   153 O  "O4'" . DC  A 1 9  ? 1.678   -4.429  7.087   1.00 41.31 ? 9   DC  A "O4'" 1 
ATOM   154 C  "C3'" . DC  A 1 9  ? 2.761   -5.503  8.930   1.00 43.10 ? 9   DC  A "C3'" 1 
ATOM   155 O  "O3'" . DC  A 1 9  ? 3.817   -4.713  9.465   1.00 44.20 ? 9   DC  A "O3'" 1 
ATOM   156 C  "C2'" . DC  A 1 9  ? 1.401   -4.955  9.346   1.00 42.04 ? 9   DC  A "C2'" 1 
ATOM   157 C  "C1'" . DC  A 1 9  ? 1.106   -3.902  8.283   1.00 41.04 ? 9   DC  A "C1'" 1 
ATOM   158 N  N1    . DC  A 1 9  ? -0.337  -3.675  8.034   1.00 37.82 ? 9   DC  A N1    1 
ATOM   159 C  C2    . DC  A 1 9  ? -0.879  -2.382  8.173   1.00 37.50 ? 9   DC  A C2    1 
ATOM   160 O  O2    . DC  A 1 9  ? -0.151  -1.453  8.558   1.00 36.36 ? 9   DC  A O2    1 
ATOM   161 N  N3    . DC  A 1 9  ? -2.192  -2.179  7.878   1.00 36.32 ? 9   DC  A N3    1 
ATOM   162 C  C4    . DC  A 1 9  ? -2.945  -3.200  7.446   1.00 35.98 ? 9   DC  A C4    1 
ATOM   163 N  N4    . DC  A 1 9  ? -4.208  -2.944  7.087   1.00 33.82 ? 9   DC  A N4    1 
ATOM   164 C  C5    . DC  A 1 9  ? -2.429  -4.526  7.343   1.00 36.65 ? 9   DC  A C5    1 
ATOM   165 C  C6    . DC  A 1 9  ? -1.136  -4.714  7.646   1.00 37.58 ? 9   DC  A C6    1 
ATOM   166 P  P     . DG  A 1 10 ? 4.569   -5.188  10.793  1.00 46.09 ? 10  DG  A P     1 
ATOM   167 O  OP1   . DG  A 1 10 ? 5.961   -4.661  10.694  1.00 44.85 ? 10  DG  A OP1   1 
ATOM   168 O  OP2   . DG  A 1 10 ? 4.323   -6.633  11.079  1.00 40.50 ? 10  DG  A OP2   1 
ATOM   169 O  "O5'" . DG  A 1 10 ? 3.852   -4.343  11.922  1.00 42.65 ? 10  DG  A "O5'" 1 
ATOM   170 C  "C5'" . DG  A 1 10 ? 4.009   -2.930  11.960  1.00 40.28 ? 10  DG  A "C5'" 1 
ATOM   171 C  "C4'" . DG  A 1 10 ? 2.961   -2.342  12.862  1.00 37.38 ? 10  DG  A "C4'" 1 
ATOM   172 O  "O4'" . DG  A 1 10 ? 1.679   -2.316  12.201  1.00 37.46 ? 10  DG  A "O4'" 1 
ATOM   173 C  "C3'" . DG  A 1 10 ? 2.761   -3.148  14.141  1.00 37.49 ? 10  DG  A "C3'" 1 
ATOM   174 O  "O3'" . DG  A 1 10 ? 2.446   -2.228  15.161  1.00 35.99 ? 10  DG  A "O3'" 1 
ATOM   175 C  "C2'" . DG  A 1 10 ? 1.485   -3.918  13.878  1.00 36.31 ? 10  DG  A "C2'" 1 
ATOM   176 C  "C1'" . DG  A 1 10 ? 0.746   -2.858  13.110  1.00 34.87 ? 10  DG  A "C1'" 1 
ATOM   177 N  N9    . DG  A 1 10 ? -0.436  -3.247  12.377  1.00 33.32 ? 10  DG  A N9    1 
ATOM   178 C  C8    . DG  A 1 10 ? -0.781  -4.489  11.896  1.00 33.70 ? 10  DG  A C8    1 
ATOM   179 N  N7    . DG  A 1 10 ? -1.929  -4.484  11.278  1.00 34.36 ? 10  DG  A N7    1 
ATOM   180 C  C5    . DG  A 1 10 ? -2.358  -3.163  11.362  1.00 31.57 ? 10  DG  A C5    1 
ATOM   181 C  C6    . DG  A 1 10 ? -3.518  -2.562  10.881  1.00 32.93 ? 10  DG  A C6    1 
ATOM   182 O  O6    . DG  A 1 10 ? -4.428  -3.079  10.235  1.00 33.36 ? 10  DG  A O6    1 
ATOM   183 N  N1    . DG  A 1 10 ? -3.570  -1.204  11.205  1.00 31.61 ? 10  DG  A N1    1 
ATOM   184 C  C2    . DG  A 1 10 ? -2.601  -0.515  11.890  1.00 31.92 ? 10  DG  A C2    1 
ATOM   185 N  N2    . DG  A 1 10 ? -2.826  0.800   12.092  1.00 29.25 ? 10  DG  A N2    1 
ATOM   186 N  N3    . DG  A 1 10 ? -1.494  -1.075  12.337  1.00 31.85 ? 10  DG  A N3    1 
ATOM   187 C  C4    . DG  A 1 10 ? -1.446  -2.397  12.039  1.00 33.02 ? 10  DG  A C4    1 
ATOM   188 P  P     . DC  A 1 11 ? 3.416   -2.061  16.407  1.00 35.07 ? 11  DC  A P     1 
ATOM   189 O  OP1   . DC  A 1 11 ? 4.702   -1.601  15.854  1.00 35.26 ? 11  DC  A OP1   1 
ATOM   190 O  OP2   . DC  A 1 11 ? 3.367   -3.230  17.286  1.00 35.62 ? 11  DC  A OP2   1 
ATOM   191 O  "O5'" . DC  A 1 11 ? 2.757   -0.820  17.140  1.00 31.15 ? 11  DC  A "O5'" 1 
ATOM   192 C  "C5'" . DC  A 1 11 ? 2.852   0.476   16.549  1.00 28.99 ? 11  DC  A "C5'" 1 
ATOM   193 C  "C4'" . DC  A 1 11 ? 1.619   1.289   16.853  1.00 25.75 ? 11  DC  A "C4'" 1 
ATOM   194 O  "O4'" . DC  A 1 11 ? 0.491   0.877   16.037  1.00 23.92 ? 11  DC  A "O4'" 1 
ATOM   195 C  "C3'" . DC  A 1 11 ? 1.154   1.201   18.307  1.00 21.46 ? 11  DC  A "C3'" 1 
ATOM   196 O  "O3'" . DC  A 1 11 ? 0.710   2.505   18.665  1.00 21.10 ? 11  DC  A "O3'" 1 
ATOM   197 C  "C2'" . DC  A 1 11 ? -0.025  0.236   18.244  1.00 21.61 ? 11  DC  A "C2'" 1 
ATOM   198 C  "C1'" . DC  A 1 11 ? -0.617  0.561   16.870  1.00 22.36 ? 11  DC  A "C1'" 1 
ATOM   199 N  N1    . DC  A 1 11 ? -1.342  -0.551  16.247  1.00 21.64 ? 11  DC  A N1    1 
ATOM   200 C  C2    . DC  A 1 11 ? -2.526  -0.291  15.555  1.00 23.83 ? 11  DC  A C2    1 
ATOM   201 O  O2    . DC  A 1 11 ? -2.911  0.894   15.405  1.00 22.12 ? 11  DC  A O2    1 
ATOM   202 N  N3    . DC  A 1 11 ? -3.220  -1.330  15.046  1.00 24.13 ? 11  DC  A N3    1 
ATOM   203 C  C4    . DC  A 1 11 ? -2.762  -2.569  15.174  1.00 23.94 ? 11  DC  A C4    1 
ATOM   204 N  N4    . DC  A 1 11 ? -3.511  -3.568  14.670  1.00 23.90 ? 11  DC  A N4    1 
ATOM   205 C  C5    . DC  A 1 11 ? -1.530  -2.856  15.830  1.00 22.59 ? 11  DC  A C5    1 
ATOM   206 C  C6    . DC  A 1 11 ? -0.864  -1.829  16.353  1.00 23.52 ? 11  DC  A C6    1 
ATOM   207 P  P     . DG  A 1 12 ? 0.751   2.981   20.201  1.00 22.79 ? 12  DG  A P     1 
ATOM   208 O  OP1   . DG  A 1 12 ? 0.426   4.435   20.211  1.00 21.36 ? 12  DG  A OP1   1 
ATOM   209 O  OP2   . DG  A 1 12 ? 2.006   2.495   20.854  1.00 21.45 ? 12  DG  A OP2   1 
ATOM   210 O  "O5'" . DG  A 1 12 ? -0.396  2.179   20.970  1.00 19.80 ? 12  DG  A "O5'" 1 
ATOM   211 C  "C5'" . DG  A 1 12 ? -1.804  2.368   20.718  1.00 22.46 ? 12  DG  A "C5'" 1 
ATOM   212 C  "C4'" . DG  A 1 12 ? -2.597  1.470   21.645  1.00 20.27 ? 12  DG  A "C4'" 1 
ATOM   213 O  "O4'" . DG  A 1 12 ? -2.240  0.097   21.389  1.00 22.18 ? 12  DG  A "O4'" 1 
ATOM   214 C  "C3'" . DG  A 1 12 ? -2.266  1.698   23.116  1.00 19.62 ? 12  DG  A "C3'" 1 
ATOM   215 O  "O3'" . DG  A 1 12 ? -3.185  2.635   23.652  1.00 22.11 ? 12  DG  A "O3'" 1 
ATOM   216 C  "C2'" . DG  A 1 12 ? -2.295  0.316   23.728  1.00 21.64 ? 12  DG  A "C2'" 1 
ATOM   217 C  "C1'" . DG  A 1 12 ? -1.791  -0.529  22.574  1.00 19.27 ? 12  DG  A "C1'" 1 
ATOM   218 N  N9    . DG  A 1 12 ? -0.344  -0.645  22.437  1.00 19.23 ? 12  DG  A N9    1 
ATOM   219 C  C8    . DG  A 1 12 ? 0.644   0.008   23.150  1.00 20.81 ? 12  DG  A C8    1 
ATOM   220 N  N7    . DG  A 1 12 ? 1.843   -0.261  22.715  1.00 20.04 ? 12  DG  A N7    1 
ATOM   221 C  C5    . DG  A 1 12 ? 1.635   -1.159  21.670  1.00 20.99 ? 12  DG  A C5    1 
ATOM   222 C  C6    . DG  A 1 12 ? 2.552   -1.793  20.810  1.00 23.34 ? 12  DG  A C6    1 
ATOM   223 O  O6    . DG  A 1 12 ? 3.780   -1.686  20.802  1.00 23.80 ? 12  DG  A O6    1 
ATOM   224 N  N1    . DG  A 1 12 ? 1.914   -2.629  19.883  1.00 21.54 ? 12  DG  A N1    1 
ATOM   225 C  C2    . DG  A 1 12 ? 0.551   -2.813  19.811  1.00 22.92 ? 12  DG  A C2    1 
ATOM   226 N  N2    . DG  A 1 12 ? 0.099   -3.672  18.865  1.00 20.27 ? 12  DG  A N2    1 
ATOM   227 N  N3    . DG  A 1 12 ? -0.315  -2.206  20.611  1.00 21.61 ? 12  DG  A N3    1 
ATOM   228 C  C4    . DG  A 1 12 ? 0.290   -1.407  21.503  1.00 21.50 ? 12  DG  A C4    1 
ATOM   229 O  "O3'" . DG  B 1 1  ? -15.062 -1.956  13.286  1.00 49.88 ? 13  DG  B "O3'" 1 
ATOM   230 P  P     . DG  B 1 2  ? -13.803 -2.076  12.288  1.00 50.44 ? 14  DG  B P     1 
ATOM   231 O  OP1   . DG  B 1 2  ? -14.271 -1.878  10.892  1.00 50.88 ? 14  DG  B OP1   1 
ATOM   232 O  OP2   . DG  B 1 2  ? -13.036 -3.310  12.645  1.00 51.19 ? 14  DG  B OP2   1 
ATOM   233 O  "O5'" . DG  B 1 2  ? -12.902 -0.820  12.662  1.00 45.95 ? 14  DG  B "O5'" 1 
ATOM   234 C  "C5'" . DG  B 1 2  ? -13.391 0.192   13.560  1.00 39.67 ? 14  DG  B "C5'" 1 
ATOM   235 C  "C4'" . DG  B 1 2  ? -12.580 1.453   13.396  1.00 36.96 ? 14  DG  B "C4'" 1 
ATOM   236 O  "O4'" . DG  B 1 2  ? -11.200 1.157   13.698  1.00 33.58 ? 14  DG  B "O4'" 1 
ATOM   237 C  "C3'" . DG  B 1 2  ? -12.587 2.021   11.980  1.00 35.83 ? 14  DG  B "C3'" 1 
ATOM   238 O  "O3'" . DG  B 1 2  ? -12.541 3.437   12.121  1.00 37.60 ? 14  DG  B "O3'" 1 
ATOM   239 C  "C2'" . DG  B 1 2  ? -11.316 1.468   11.358  1.00 35.40 ? 14  DG  B "C2'" 1 
ATOM   240 C  "C1'" . DG  B 1 2  ? -10.374 1.302   12.551  1.00 32.68 ? 14  DG  B "C1'" 1 
ATOM   241 N  N9    . DG  B 1 2  ? -9.496  0.135   12.519  1.00 31.60 ? 14  DG  B N9    1 
ATOM   242 C  C8    . DG  B 1 2  ? -9.839  -1.155  12.190  1.00 31.41 ? 14  DG  B C8    1 
ATOM   243 N  N7    . DG  B 1 2  ? -8.880  -2.014  12.412  1.00 31.06 ? 14  DG  B N7    1 
ATOM   244 C  C5    . DG  B 1 2  ? -7.827  -1.239  12.883  1.00 28.61 ? 14  DG  B C5    1 
ATOM   245 C  C6    . DG  B 1 2  ? -6.549  -1.625  13.325  1.00 28.33 ? 14  DG  B C6    1 
ATOM   246 O  O6    . DG  B 1 2  ? -6.086  -2.774  13.422  1.00 25.49 ? 14  DG  B O6    1 
ATOM   247 N  N1    . DG  B 1 2  ? -5.781  -0.525  13.704  1.00 26.37 ? 14  DG  B N1    1 
ATOM   248 C  C2    . DG  B 1 2  ? -6.202  0.788   13.669  1.00 27.94 ? 14  DG  B C2    1 
ATOM   249 N  N2    . DG  B 1 2  ? -5.289  1.724   14.062  1.00 26.31 ? 14  DG  B N2    1 
ATOM   250 N  N3    . DG  B 1 2  ? -7.423  1.161   13.279  1.00 27.87 ? 14  DG  B N3    1 
ATOM   251 C  C4    . DG  B 1 2  ? -8.174  0.099   12.910  1.00 29.47 ? 14  DG  B C4    1 
ATOM   252 P  P     . DC  B 1 3  ? -12.605 4.386   10.834  1.00 38.33 ? 15  DC  B P     1 
ATOM   253 O  OP1   . DC  B 1 3  ? -13.156 5.635   11.398  1.00 37.97 ? 15  DC  B OP1   1 
ATOM   254 O  OP2   . DC  B 1 3  ? -13.255 3.730   9.662   1.00 38.14 ? 15  DC  B OP2   1 
ATOM   255 O  "O5'" . DC  B 1 3  ? -11.079 4.627   10.484  1.00 36.47 ? 15  DC  B "O5'" 1 
ATOM   256 C  "C5'" . DC  B 1 3  ? -10.238 5.258   11.443  1.00 39.38 ? 15  DC  B "C5'" 1 
ATOM   257 C  "C4'" . DC  B 1 3  ? -8.794  5.119   11.040  1.00 37.38 ? 15  DC  B "C4'" 1 
ATOM   258 O  "O4'" . DC  B 1 3  ? -8.326  3.780   11.201  1.00 35.92 ? 15  DC  B "O4'" 1 
ATOM   259 C  "C3'" . DC  B 1 3  ? -8.498  5.469   9.594   1.00 38.39 ? 15  DC  B "C3'" 1 
ATOM   260 O  "O3'" . DC  B 1 3  ? -8.368  6.897   9.590   1.00 41.50 ? 15  DC  B "O3'" 1 
ATOM   261 C  "C2'" . DC  B 1 3  ? -7.195  4.724   9.337   1.00 37.02 ? 15  DC  B "C2'" 1 
ATOM   262 C  "C1'" . DC  B 1 3  ? -7.166  3.618   10.408  1.00 35.84 ? 15  DC  B "C1'" 1 
ATOM   263 N  N1    . DC  B 1 3  ? -7.113  2.207   9.988   1.00 35.26 ? 15  DC  B N1    1 
ATOM   264 C  C2    . DC  B 1 3  ? -5.983  1.443   10.325  1.00 35.00 ? 15  DC  B C2    1 
ATOM   265 O  O2    . DC  B 1 3  ? -5.027  1.990   10.886  1.00 33.87 ? 15  DC  B O2    1 
ATOM   266 N  N3    . DC  B 1 3  ? -5.965  0.127   10.031  1.00 34.06 ? 15  DC  B N3    1 
ATOM   267 C  C4    . DC  B 1 3  ? -7.007  -0.431  9.423   1.00 34.83 ? 15  DC  B C4    1 
ATOM   268 N  N4    . DC  B 1 3  ? -6.955  -1.740  9.203   1.00 36.12 ? 15  DC  B N4    1 
ATOM   269 C  C5    . DC  B 1 3  ? -8.147  0.328   9.027   1.00 34.83 ? 15  DC  B C5    1 
ATOM   270 C  C6    . DC  B 1 3  ? -8.159  1.630   9.320   1.00 34.60 ? 15  DC  B C6    1 
ATOM   271 P  P     . DG  B 1 4  ? -7.918  7.678   8.264   1.00 42.60 ? 16  DG  B P     1 
ATOM   272 O  OP1   . DG  B 1 4  ? -8.261  9.096   8.520   1.00 43.29 ? 16  DG  B OP1   1 
ATOM   273 O  OP2   . DG  B 1 4  ? -8.458  6.994   7.075   1.00 43.28 ? 16  DG  B OP2   1 
ATOM   274 O  "O5'" . DG  B 1 4  ? -6.331  7.562   8.286   1.00 39.84 ? 16  DG  B "O5'" 1 
ATOM   275 C  "C5'" . DG  B 1 4  ? -5.599  8.050   9.420   1.00 37.19 ? 16  DG  B "C5'" 1 
ATOM   276 C  "C4'" . DG  B 1 4  ? -4.162  7.592   9.366   1.00 36.43 ? 16  DG  B "C4'" 1 
ATOM   277 O  "O4'" . DG  B 1 4  ? -4.105  6.141   9.329   1.00 34.79 ? 16  DG  B "O4'" 1 
ATOM   278 C  "C3'" . DG  B 1 4  ? -3.339  8.087   8.173   1.00 36.61 ? 16  DG  B "C3'" 1 
ATOM   279 O  "O3'" . DG  B 1 4  ? -2.037  8.410   8.670   1.00 37.97 ? 16  DG  B "O3'" 1 
ATOM   280 C  "C2'" . DG  B 1 4  ? -3.290  6.877   7.255   1.00 37.79 ? 16  DG  B "C2'" 1 
ATOM   281 C  "C1'" . DG  B 1 4  ? -3.308  5.712   8.235   1.00 37.16 ? 16  DG  B "C1'" 1 
ATOM   282 N  N9    . DG  B 1 4  ? -3.887  4.477   7.715   1.00 35.51 ? 16  DG  B N9    1 
ATOM   283 C  C8    . DG  B 1 4  ? -5.033  4.344   6.977   1.00 36.42 ? 16  DG  B C8    1 
ATOM   284 N  N7    . DG  B 1 4  ? -5.329  3.097   6.709   1.00 36.19 ? 16  DG  B N7    1 
ATOM   285 C  C5    . DG  B 1 4  ? -4.307  2.364   7.302   1.00 35.30 ? 16  DG  B C5    1 
ATOM   286 C  C6    . DG  B 1 4  ? -4.102  0.958   7.375   1.00 34.68 ? 16  DG  B C6    1 
ATOM   287 O  O6    . DG  B 1 4  ? -4.814  0.061   6.944   1.00 35.67 ? 16  DG  B O6    1 
ATOM   288 N  N1    . DG  B 1 4  ? -2.929  0.643   8.051   1.00 34.48 ? 16  DG  B N1    1 
ATOM   289 C  C2    . DG  B 1 4  ? -2.071  1.558   8.607   1.00 34.69 ? 16  DG  B C2    1 
ATOM   290 N  N2    . DG  B 1 4  ? -0.989  1.050   9.228   1.00 32.90 ? 16  DG  B N2    1 
ATOM   291 N  N3    . DG  B 1 4  ? -2.263  2.873   8.564   1.00 34.91 ? 16  DG  B N3    1 
ATOM   292 C  C4    . DG  B 1 4  ? -3.394  3.201   7.901   1.00 35.31 ? 16  DG  B C4    1 
ATOM   293 P  P     . DA  B 1 5  ? -0.835  8.811   7.670   1.00 39.62 ? 17  DA  B P     1 
ATOM   294 O  OP1   . DA  B 1 5  ? -0.120  9.886   8.383   1.00 39.39 ? 17  DA  B OP1   1 
ATOM   295 O  OP2   . DA  B 1 5  ? -1.285  9.036   6.277   1.00 38.18 ? 17  DA  B OP2   1 
ATOM   296 O  "O5'" . DA  B 1 5  ? 0.101   7.520   7.673   1.00 35.26 ? 17  DA  B "O5'" 1 
ATOM   297 C  "C5'" . DA  B 1 5  ? 0.743   7.070   8.867   1.00 37.00 ? 17  DA  B "C5'" 1 
ATOM   298 C  "C4'" . DA  B 1 5  ? 1.687   5.933   8.550   1.00 37.91 ? 17  DA  B "C4'" 1 
ATOM   299 O  "O4'" . DA  B 1 5  ? 0.935   4.771   8.112   1.00 37.58 ? 17  DA  B "O4'" 1 
ATOM   300 C  "C3'" . DA  B 1 5  ? 2.662   6.256   7.415   1.00 40.18 ? 17  DA  B "C3'" 1 
ATOM   301 O  "O3'" . DA  B 1 5  ? 3.935   5.650   7.653   1.00 42.85 ? 17  DA  B "O3'" 1 
ATOM   302 C  "C2'" . DA  B 1 5  ? 2.030   5.601   6.201   1.00 39.52 ? 17  DA  B "C2'" 1 
ATOM   303 C  "C1'" . DA  B 1 5  ? 1.352   4.383   6.803   1.00 37.31 ? 17  DA  B "C1'" 1 
ATOM   304 N  N9    . DA  B 1 5  ? 0.173   3.949   6.058   1.00 36.35 ? 17  DA  B N9    1 
ATOM   305 C  C8    . DA  B 1 5  ? -0.819  4.734   5.533   1.00 35.14 ? 17  DA  B C8    1 
ATOM   306 N  N7    . DA  B 1 5  ? -1.778  4.055   4.947   1.00 35.02 ? 17  DA  B N7    1 
ATOM   307 C  C5    . DA  B 1 5  ? -1.388  2.737   5.090   1.00 33.56 ? 17  DA  B C5    1 
ATOM   308 C  C6    . DA  B 1 5  ? -1.987  1.528   4.701   1.00 33.37 ? 17  DA  B C6    1 
ATOM   309 N  N6    . DA  B 1 5  ? -3.152  1.448   4.052   1.00 33.67 ? 17  DA  B N6    1 
ATOM   310 N  N1    . DA  B 1 5  ? -1.340  0.386   5.004   1.00 32.03 ? 17  DA  B N1    1 
ATOM   311 C  C2    . DA  B 1 5  ? -0.168  0.460   5.642   1.00 32.66 ? 17  DA  B C2    1 
ATOM   312 N  N3    . DA  B 1 5  ? 0.499   1.535   6.059   1.00 33.75 ? 17  DA  B N3    1 
ATOM   313 C  C4    . DA  B 1 5  ? -0.179  2.655   5.756   1.00 33.93 ? 17  DA  B C4    1 
ATOM   314 P  P     . DA  B 1 6  ? 5.066   5.719   6.513   1.00 46.23 ? 18  DA  B P     1 
ATOM   315 O  OP1   . DA  B 1 6  ? 6.335   6.094   7.170   1.00 45.68 ? 18  DA  B OP1   1 
ATOM   316 O  OP2   . DA  B 1 6  ? 4.549   6.527   5.375   1.00 43.70 ? 18  DA  B OP2   1 
ATOM   317 O  "O5'" . DA  B 1 6  ? 5.236   4.213   6.049   1.00 42.80 ? 18  DA  B "O5'" 1 
ATOM   318 C  "C5'" . DA  B 1 6  ? 5.526   3.211   7.016   1.00 40.96 ? 18  DA  B "C5'" 1 
ATOM   319 C  "C4'" . DA  B 1 6  ? 5.670   1.872   6.343   1.00 38.57 ? 18  DA  B "C4'" 1 
ATOM   320 O  "O4'" . DA  B 1 6  ? 4.396   1.441   5.816   1.00 37.85 ? 18  DA  B "O4'" 1 
ATOM   321 C  "C3'" . DA  B 1 6  ? 6.655   1.830   5.186   1.00 38.98 ? 18  DA  B "C3'" 1 
ATOM   322 O  "O3'" . DA  B 1 6  ? 7.440   0.658   5.325   1.00 39.78 ? 18  DA  B "O3'" 1 
ATOM   323 C  "C2'" . DA  B 1 6  ? 5.771   1.793   3.946   1.00 37.89 ? 18  DA  B "C2'" 1 
ATOM   324 C  "C1'" . DA  B 1 6  ? 4.498   1.125   4.435   1.00 35.86 ? 18  DA  B "C1'" 1 
ATOM   325 N  N9    . DA  B 1 6  ? 3.281   1.621   3.785   1.00 32.93 ? 18  DA  B N9    1 
ATOM   326 C  C8    . DA  B 1 6  ? 2.895   2.920   3.599   1.00 32.07 ? 18  DA  B C8    1 
ATOM   327 N  N7    . DA  B 1 6  ? 1.753   3.049   2.970   1.00 31.45 ? 18  DA  B N7    1 
ATOM   328 C  C5    . DA  B 1 6  ? 1.360   1.742   2.723   1.00 31.14 ? 18  DA  B C5    1 
ATOM   329 C  C6    . DA  B 1 6  ? 0.240   1.197   2.088   1.00 29.68 ? 18  DA  B C6    1 
ATOM   330 N  N6    . DA  B 1 6  ? -0.735  1.927   1.525   1.00 28.65 ? 18  DA  B N6    1 
ATOM   331 N  N1    . DA  B 1 6  ? 0.146   -0.154  2.040   1.00 31.45 ? 18  DA  B N1    1 
ATOM   332 C  C2    . DA  B 1 6  ? 1.120   -0.885  2.583   1.00 31.38 ? 18  DA  B C2    1 
ATOM   333 N  N3    . DA  B 1 6  ? 2.228   -0.483  3.196   1.00 32.35 ? 18  DA  B N3    1 
ATOM   334 C  C4    . DA  B 1 6  ? 2.287   0.853   3.234   1.00 31.61 ? 18  DA  B C4    1 
ATOM   335 P  P     . DT  B 1 7  ? 8.444   0.222   4.162   1.00 40.75 ? 19  DT  B P     1 
ATOM   336 O  OP1   . DT  B 1 7  ? 9.483   -0.575  4.852   1.00 42.33 ? 19  DT  B OP1   1 
ATOM   337 O  OP2   . DT  B 1 7  ? 8.840   1.392   3.330   1.00 40.97 ? 19  DT  B OP2   1 
ATOM   338 O  "O5'" . DT  B 1 7  ? 7.557   -0.772  3.295   1.00 38.71 ? 19  DT  B "O5'" 1 
ATOM   339 C  "C5'" . DT  B 1 7  ? 6.854   -1.819  3.939   1.00 36.26 ? 19  DT  B "C5'" 1 
ATOM   340 C  "C4'" . DT  B 1 7  ? 6.170   -2.702  2.926   1.00 36.54 ? 19  DT  B "C4'" 1 
ATOM   341 O  "O4'" . DT  B 1 7  ? 5.004   -2.038  2.404   1.00 35.39 ? 19  DT  B "O4'" 1 
ATOM   342 C  "C3'" . DT  B 1 7  ? 6.996   -3.144  1.722   1.00 36.31 ? 19  DT  B "C3'" 1 
ATOM   343 O  "O3'" . DT  B 1 7  ? 6.812   -4.540  1.515   1.00 38.12 ? 19  DT  B "O3'" 1 
ATOM   344 C  "C2'" . DT  B 1 7  ? 6.423   -2.332  0.571   1.00 35.38 ? 19  DT  B "C2'" 1 
ATOM   345 C  "C1'" . DT  B 1 7  ? 4.981   -2.133  0.994   1.00 34.05 ? 19  DT  B "C1'" 1 
ATOM   346 N  N1    . DT  B 1 7  ? 4.278   -0.929  0.490   1.00 31.59 ? 19  DT  B N1    1 
ATOM   347 C  C2    . DT  B 1 7  ? 3.062   -1.125  -0.079  1.00 29.30 ? 19  DT  B C2    1 
ATOM   348 O  O2    . DT  B 1 7  ? 2.595   -2.226  -0.277  1.00 30.53 ? 19  DT  B O2    1 
ATOM   349 N  N3    . DT  B 1 7  ? 2.400   0.031   -0.423  1.00 30.39 ? 19  DT  B N3    1 
ATOM   350 C  C4    . DT  B 1 7  ? 2.844   1.322   -0.276  1.00 29.51 ? 19  DT  B C4    1 
ATOM   351 O  O4    . DT  B 1 7  ? 2.134   2.258   -0.617  1.00 29.49 ? 19  DT  B O4    1 
ATOM   352 C  C5    . DT  B 1 7  ? 4.151   1.456   0.291   1.00 31.06 ? 19  DT  B C5    1 
ATOM   353 C  C7    . DT  B 1 7  ? 4.710   2.833   0.478   1.00 30.54 ? 19  DT  B C7    1 
ATOM   354 C  C6    . DT  B 1 7  ? 4.804   0.336   0.633   1.00 31.04 ? 19  DT  B C6    1 
ATOM   355 P  P     . DT  B 1 8  ? 7.704   -5.317  0.418   1.00 39.52 ? 20  DT  B P     1 
ATOM   356 O  OP1   . DT  B 1 8  ? 8.112   -6.617  1.024   1.00 42.49 ? 20  DT  B OP1   1 
ATOM   357 O  OP2   . DT  B 1 8  ? 8.733   -4.412  -0.142  1.00 40.03 ? 20  DT  B OP2   1 
ATOM   358 O  "O5'" . DT  B 1 8  ? 6.618   -5.630  -0.693  1.00 35.72 ? 20  DT  B "O5'" 1 
ATOM   359 C  "C5'" . DT  B 1 8  ? 5.320   -6.035  -0.279  1.00 35.91 ? 20  DT  B "C5'" 1 
ATOM   360 C  "C4'" . DT  B 1 8  ? 4.382   -6.077  -1.452  1.00 35.42 ? 20  DT  B "C4'" 1 
ATOM   361 O  "O4'" . DT  B 1 8  ? 3.778   -4.788  -1.716  1.00 35.78 ? 20  DT  B "O4'" 1 
ATOM   362 C  "C3'" . DT  B 1 8  ? 4.987   -6.570  -2.762  1.00 35.82 ? 20  DT  B "C3'" 1 
ATOM   363 O  "O3'" . DT  B 1 8  ? 4.159   -7.610  -3.271  1.00 37.88 ? 20  DT  B "O3'" 1 
ATOM   364 C  "C2'" . DT  B 1 8  ? 5.006   -5.322  -3.639  1.00 35.33 ? 20  DT  B "C2'" 1 
ATOM   365 C  "C1'" . DT  B 1 8  ? 3.853   -4.479  -3.094  1.00 32.97 ? 20  DT  B "C1'" 1 
ATOM   366 N  N1    . DT  B 1 8  ? 3.993   -3.011  -3.207  1.00 30.81 ? 20  DT  B N1    1 
ATOM   367 C  C2    . DT  B 1 8  ? 2.922   -2.316  -3.693  1.00 30.04 ? 20  DT  B C2    1 
ATOM   368 O  O2    . DT  B 1 8  ? 1.896   -2.863  -4.081  1.00 29.05 ? 20  DT  B O2    1 
ATOM   369 N  N3    . DT  B 1 8  ? 3.085   -0.953  -3.706  1.00 28.68 ? 20  DT  B N3    1 
ATOM   370 C  C4    . DT  B 1 8  ? 4.202   -0.240  -3.302  1.00 29.52 ? 20  DT  B C4    1 
ATOM   371 O  O4    . DT  B 1 8  ? 4.200   0.979   -3.349  1.00 28.09 ? 20  DT  B O4    1 
ATOM   372 C  C5    . DT  B 1 8  ? 5.299   -1.041  -2.835  1.00 28.85 ? 20  DT  B C5    1 
ATOM   373 C  C7    . DT  B 1 8  ? 6.561   -0.354  -2.406  1.00 29.85 ? 20  DT  B C7    1 
ATOM   374 C  C6    . DT  B 1 8  ? 5.142   -2.364  -2.811  1.00 30.01 ? 20  DT  B C6    1 
ATOM   375 P  P     . DC  B 1 9  ? 4.553   -8.341  -4.637  1.00 40.69 ? 21  DC  B P     1 
ATOM   376 O  OP1   . DC  B 1 9  ? 4.162   -9.752  -4.532  1.00 39.27 ? 21  DC  B OP1   1 
ATOM   377 O  OP2   . DC  B 1 9  ? 5.920   -7.964  -5.073  1.00 39.90 ? 21  DC  B OP2   1 
ATOM   378 O  "O5'" . DC  B 1 9  ? 3.563   -7.673  -5.681  1.00 38.55 ? 21  DC  B "O5'" 1 
ATOM   379 C  "C5'" . DC  B 1 9  ? 2.182   -7.582  -5.393  1.00 35.64 ? 21  DC  B "C5'" 1 
ATOM   380 C  "C4'" . DC  B 1 9  ? 1.526   -6.642  -6.370  1.00 33.51 ? 21  DC  B "C4'" 1 
ATOM   381 O  "O4'" . DC  B 1 9  ? 2.011   -5.304  -6.162  1.00 31.96 ? 21  DC  B "O4'" 1 
ATOM   382 C  "C3'" . DC  B 1 9  ? 1.802   -6.979  -7.832  1.00 32.93 ? 21  DC  B "C3'" 1 
ATOM   383 O  "O3'" . DC  B 1 9  ? 0.600   -7.386  -8.483  1.00 33.48 ? 21  DC  B "O3'" 1 
ATOM   384 C  "C2'" . DC  B 1 9  ? 2.451   -5.724  -8.405  1.00 33.04 ? 21  DC  B "C2'" 1 
ATOM   385 C  "C1'" . DC  B 1 9  ? 2.062   -4.646  -7.409  1.00 31.56 ? 21  DC  B "C1'" 1 
ATOM   386 N  N1    . DC  B 1 9  ? 2.974   -3.513  -7.257  1.00 29.46 ? 21  DC  B N1    1 
ATOM   387 C  C2    . DC  B 1 9  ? 2.452   -2.210  -7.389  1.00 27.64 ? 21  DC  B C2    1 
ATOM   388 O  O2    . DC  B 1 9  ? 1.254   -2.058  -7.713  1.00 25.91 ? 21  DC  B O2    1 
ATOM   389 N  N3    . DC  B 1 9  ? 3.250   -1.157  -7.151  1.00 27.32 ? 21  DC  B N3    1 
ATOM   390 C  C4    . DC  B 1 9  ? 4.513   -1.334  -6.792  1.00 27.43 ? 21  DC  B C4    1 
ATOM   391 N  N4    . DC  B 1 9  ? 5.209   -0.241  -6.504  1.00 27.06 ? 21  DC  B N4    1 
ATOM   392 C  C5    . DC  B 1 9  ? 5.101   -2.635  -6.698  1.00 28.59 ? 21  DC  B C5    1 
ATOM   393 C  C6    . DC  B 1 9  ? 4.298   -3.694  -6.943  1.00 29.38 ? 21  DC  B C6    1 
ATOM   394 P  P     . DG  B 1 10 ? 0.688   -8.292  -9.805  1.00 35.05 ? 22  DG  B P     1 
ATOM   395 O  OP1   . DG  B 1 10 ? -0.617  -8.973  -9.932  1.00 34.20 ? 22  DG  B OP1   1 
ATOM   396 O  OP2   . DG  B 1 10 ? 1.948   -9.079  -9.848  1.00 36.19 ? 22  DG  B OP2   1 
ATOM   397 O  "O5'" . DG  B 1 10 ? 0.792   -7.230  -10.988 1.00 30.64 ? 22  DG  B "O5'" 1 
ATOM   398 C  "C5'" . DG  B 1 10 ? -0.332  -6.405  -11.282 1.00 29.87 ? 22  DG  B "C5'" 1 
ATOM   399 C  "C4'" . DG  B 1 10 ? 0.066   -5.303  -12.231 1.00 26.71 ? 22  DG  B "C4'" 1 
ATOM   400 O  "O4'" . DG  B 1 10 ? 0.925   -4.345  -11.567 1.00 26.05 ? 22  DG  B "O4'" 1 
ATOM   401 C  "C3'" . DG  B 1 10 ? 0.834   -5.785  -13.462 1.00 26.54 ? 22  DG  B "C3'" 1 
ATOM   402 O  "O3'" . DG  B 1 10 ? 0.446   -4.974  -14.565 1.00 27.57 ? 22  DG  B "O3'" 1 
ATOM   403 C  "C2'" . DG  B 1 10 ? 2.263   -5.369  -13.154 1.00 23.92 ? 22  DG  B "C2'" 1 
ATOM   404 C  "C1'" . DG  B 1 10 ? 2.005   -4.069  -12.414 1.00 23.76 ? 22  DG  B "C1'" 1 
ATOM   405 N  N9    . DG  B 1 10 ? 3.085   -3.500  -11.614 1.00 25.79 ? 22  DG  B N9    1 
ATOM   406 C  C8    . DG  B 1 10 ? 4.130   -4.157  -11.005 1.00 25.19 ? 22  DG  B C8    1 
ATOM   407 N  N7    . DG  B 1 10 ? 4.945   -3.351  -10.380 1.00 25.08 ? 22  DG  B N7    1 
ATOM   408 C  C5    . DG  B 1 10 ? 4.401   -2.081  -10.596 1.00 23.85 ? 22  DG  B C5    1 
ATOM   409 C  C6    . DG  B 1 10 ? 4.855   -0.796  -10.192 1.00 24.28 ? 22  DG  B C6    1 
ATOM   410 O  O6    . DG  B 1 10 ? 5.872   -0.495  -9.577  1.00 22.92 ? 22  DG  B O6    1 
ATOM   411 N  N1    . DG  B 1 10 ? 3.985   0.215   -10.609 1.00 22.22 ? 22  DG  B N1    1 
ATOM   412 C  C2    . DG  B 1 10 ? 2.852   0.017   -11.349 1.00 23.57 ? 22  DG  B C2    1 
ATOM   413 N  N2    . DG  B 1 10 ? 2.188   1.116   -11.701 1.00 23.21 ? 22  DG  B N2    1 
ATOM   414 N  N3    . DG  B 1 10 ? 2.417   -1.166  -11.739 1.00 23.08 ? 22  DG  B N3    1 
ATOM   415 C  C4    . DG  B 1 10 ? 3.244   -2.166  -11.333 1.00 24.94 ? 22  DG  B C4    1 
ATOM   416 P  P     . DC  B 1 11 ? -0.448  -5.569  -15.735 1.00 28.69 ? 23  DC  B P     1 
ATOM   417 O  OP1   . DC  B 1 11 ? -1.704  -5.990  -15.107 1.00 29.98 ? 23  DC  B OP1   1 
ATOM   418 O  OP2   . DC  B 1 11 ? 0.334   -6.561  -16.545 1.00 30.15 ? 23  DC  B OP2   1 
ATOM   419 O  "O5'" . DC  B 1 11 ? -0.696  -4.278  -16.634 1.00 27.80 ? 23  DC  B "O5'" 1 
ATOM   420 C  "C5'" . DC  B 1 11 ? -1.647  -3.297  -16.233 1.00 27.04 ? 23  DC  B "C5'" 1 
ATOM   421 C  "C4'" . DC  B 1 11 ? -1.176  -1.911  -16.606 1.00 23.34 ? 23  DC  B "C4'" 1 
ATOM   422 O  "O4'" . DC  B 1 11 ? -0.118  -1.454  -15.725 1.00 23.55 ? 23  DC  B "O4'" 1 
ATOM   423 C  "C3'" . DC  B 1 11 ? -0.652  -1.749  -18.028 1.00 23.22 ? 23  DC  B "C3'" 1 
ATOM   424 O  "O3'" . DC  B 1 11 ? -1.142  -0.498  -18.534 1.00 25.52 ? 23  DC  B "O3'" 1 
ATOM   425 C  "C2'" . DC  B 1 11 ? 0.856   -1.660  -17.840 1.00 21.66 ? 23  DC  B "C2'" 1 
ATOM   426 C  "C1'" . DC  B 1 11 ? 0.966   -0.971  -16.486 1.00 22.60 ? 23  DC  B "C1'" 1 
ATOM   427 N  N1    . DC  B 1 11 ? 2.204   -1.246  -15.734 1.00 20.83 ? 23  DC  B N1    1 
ATOM   428 C  C2    . DC  B 1 11 ? 2.841   -0.185  -15.101 1.00 22.02 ? 23  DC  B C2    1 
ATOM   429 O  O2    . DC  B 1 11 ? 2.298   0.940   -15.131 1.00 21.07 ? 23  DC  B O2    1 
ATOM   430 N  N3    . DC  B 1 11 ? 4.015   -0.401  -14.465 1.00 21.48 ? 23  DC  B N3    1 
ATOM   431 C  C4    . DC  B 1 11 ? 4.533   -1.645  -14.431 1.00 22.85 ? 23  DC  B C4    1 
ATOM   432 N  N4    . DC  B 1 11 ? 5.691   -1.832  -13.810 1.00 20.79 ? 23  DC  B N4    1 
ATOM   433 C  C5    . DC  B 1 11 ? 3.877   -2.751  -15.034 1.00 21.65 ? 23  DC  B C5    1 
ATOM   434 C  C6    . DC  B 1 11 ? 2.726   -2.513  -15.668 1.00 23.58 ? 23  DC  B C6    1 
ATOM   435 P  P     . DG  B 1 12 ? -1.499  -0.355  -20.076 1.00 26.09 ? 24  DG  B P     1 
ATOM   436 O  OP1   . DG  B 1 12 ? -2.113  0.974   -20.247 1.00 27.36 ? 24  DG  B OP1   1 
ATOM   437 O  OP2   . DG  B 1 12 ? -2.222  -1.584  -20.523 1.00 24.28 ? 24  DG  B OP2   1 
ATOM   438 O  "O5'" . DG  B 1 12 ? -0.080  -0.354  -20.804 1.00 27.04 ? 24  DG  B "O5'" 1 
ATOM   439 C  "C5'" . DG  B 1 12 ? 0.869   0.720   -20.638 1.00 26.92 ? 24  DG  B "C5'" 1 
ATOM   440 C  "C4'" . DG  B 1 12 ? 2.111   0.418   -21.447 1.00 27.52 ? 24  DG  B "C4'" 1 
ATOM   441 O  "O4'" . DG  B 1 12 ? 2.724   -0.783  -20.920 1.00 26.89 ? 24  DG  B "O4'" 1 
ATOM   442 C  "C3'" . DG  B 1 12 ? 1.790   0.109   -22.904 1.00 27.29 ? 24  DG  B "C3'" 1 
ATOM   443 O  "O3'" . DG  B 1 12 ? 1.878   1.277   -23.734 1.00 29.65 ? 24  DG  B "O3'" 1 
ATOM   444 C  "C2'" . DG  B 1 12 ? 2.773   -0.988  -23.265 1.00 27.18 ? 24  DG  B "C2'" 1 
ATOM   445 C  "C1'" . DG  B 1 12 ? 2.900   -1.747  -21.952 1.00 26.55 ? 24  DG  B "C1'" 1 
ATOM   446 N  N9    . DG  B 1 12 ? 1.917   -2.811  -21.730 1.00 26.91 ? 24  DG  B N9    1 
ATOM   447 C  C8    . DG  B 1 12 ? 0.790   -3.084  -22.463 1.00 27.03 ? 24  DG  B C8    1 
ATOM   448 N  N7    . DG  B 1 12 ? 0.080   -4.064  -21.967 1.00 26.53 ? 24  DG  B N7    1 
ATOM   449 C  C5    . DG  B 1 12 ? 0.788   -4.466  -20.846 1.00 26.59 ? 24  DG  B C5    1 
ATOM   450 C  C6    . DG  B 1 12 ? 0.498   -5.457  -19.878 1.00 26.92 ? 24  DG  B C6    1 
ATOM   451 O  O6    . DG  B 1 12 ? -0.496  -6.180  -19.787 1.00 27.23 ? 24  DG  B O6    1 
ATOM   452 N  N1    . DG  B 1 12 ? 1.507   -5.558  -18.928 1.00 25.92 ? 24  DG  B N1    1 
ATOM   453 C  C2    . DG  B 1 12 ? 2.630   -4.777  -18.892 1.00 27.45 ? 24  DG  B C2    1 
ATOM   454 N  N2    . DG  B 1 12 ? 3.501   -5.036  -17.903 1.00 27.79 ? 24  DG  B N2    1 
ATOM   455 N  N3    . DG  B 1 12 ? 2.890   -3.817  -19.762 1.00 26.12 ? 24  DG  B N3    1 
ATOM   456 C  C4    . DG  B 1 12 ? 1.940   -3.722  -20.706 1.00 26.24 ? 24  DG  B C4    1 
HETATM 457 CA CA    . CA  C 2 .  ? -2.884  -2.333  -9.791  1.00 25.70 ? 112 CA  A CA    1 
HETATM 458 CA CA    . CA  D 2 .  ? -8.301  6.915   -8.702  0.33 23.84 ? 120 CA  A CA    1 
HETATM 459 CA CA    . CA  E 2 .  ? -3.708  2.214   -19.436 1.00 28.44 ? 101 CA  B CA    1 
HETATM 460 CA CA    . CA  F 2 .  ? 3.180   1.596   9.990   1.00 46.77 ? 146 CA  B CA    1 
HETATM 461 O  O     . HOH G 3 .  ? -2.789  -0.015  -9.922  1.00 22.36 ? 114 HOH A O     1 
HETATM 462 O  O     . HOH G 3 .  ? -3.129  -4.200  -8.299  1.00 30.58 ? 115 HOH A O     1 
HETATM 463 O  O     . HOH G 3 .  ? -2.506  -1.885  -11.987 1.00 24.01 ? 116 HOH A O     1 
HETATM 464 O  O     . HOH G 3 .  ? -5.112  -1.972  -9.898  1.00 24.81 ? 117 HOH A O     1 
HETATM 465 O  O     . HOH G 3 .  ? -2.539  -1.665  -7.657  1.00 28.39 ? 118 HOH A O     1 
HETATM 466 O  O     . HOH G 3 .  ? -3.387  -4.399  -11.117 1.00 26.89 ? 119 HOH A O     1 
HETATM 467 O  O     . HOH G 3 .  ? -7.269  7.911   -6.673  1.00 27.05 ? 121 HOH A O     1 
HETATM 468 O  O     . HOH G 3 .  ? 3.163   2.842   23.005  1.00 20.01 ? 124 HOH A O     1 
HETATM 469 O  O     . HOH G 3 .  ? -6.541  0.147   -11.345 1.00 33.84 ? 128 HOH A O     1 
HETATM 470 O  O     . HOH G 3 .  ? -1.902  4.273   25.972  1.00 24.13 ? 131 HOH A O     1 
HETATM 471 O  O     . HOH G 3 .  ? 1.503   -4.788  0.405   1.00 32.01 ? 134 HOH A O     1 
HETATM 472 O  O     . HOH G 3 .  ? -2.113  -5.174  -5.946  1.00 29.10 ? 135 HOH A O     1 
HETATM 473 O  O     . HOH G 3 .  ? -7.721  0.283   -2.639  1.00 40.00 ? 137 HOH A O     1 
HETATM 474 O  O     . HOH G 3 .  ? -2.326  -6.164  14.444  1.00 27.08 ? 140 HOH A O     1 
HETATM 475 O  O     . HOH G 3 .  ? 2.707   -2.763  4.700   1.00 36.41 ? 142 HOH A O     1 
HETATM 476 O  O     . HOH G 3 .  ? 9.910   0.916   -10.231 1.00 48.52 ? 143 HOH A O     1 
HETATM 477 O  O     . HOH G 3 .  ? 5.245   -3.800  21.903  1.00 51.43 ? 144 HOH A O     1 
HETATM 478 O  O     . HOH G 3 .  ? 1.925   -5.554  17.614  1.00 46.91 ? 145 HOH A O     1 
HETATM 479 O  O     . HOH G 3 .  ? 0.198   0.947   13.373  1.00 30.53 ? 147 HOH A O     1 
HETATM 480 O  O     . HOH G 3 .  ? -5.480  2.103   1.028   1.00 50.43 ? 148 HOH A O     1 
HETATM 481 O  O     . HOH G 3 .  ? 1.338   1.671   25.432  1.00 37.10 ? 150 HOH A O     1 
HETATM 482 O  O     . HOH G 3 .  ? -5.196  -8.340  -6.351  1.00 50.13 ? 151 HOH A O     1 
HETATM 483 O  O     A HOH G 3 .  ? -5.364  6.598   22.307  0.50 30.64 ? 152 HOH A O     1 
HETATM 484 O  O     B HOH G 3 .  ? -3.919  5.334   22.399  0.50 19.03 ? 152 HOH A O     1 
HETATM 485 O  O     . HOH G 3 .  ? -6.432  -5.084  6.916   1.00 45.11 ? 154 HOH A O     1 
HETATM 486 O  O     . HOH G 3 .  ? -2.262  -7.892  12.342  1.00 61.62 ? 159 HOH A O     1 
HETATM 487 O  O     . HOH G 3 .  ? -6.938  -4.853  0.144   1.00 43.94 ? 161 HOH A O     1 
HETATM 488 O  O     . HOH G 3 .  ? -4.082  6.088   -4.602  1.00 29.82 ? 165 HOH A O     1 
HETATM 489 O  O     . HOH G 3 .  ? -4.552  3.254   -1.902  1.00 42.48 ? 166 HOH A O     1 
HETATM 490 O  O     . HOH G 3 .  ? 0.284   5.436   -2.960  0.50 49.93 ? 167 HOH A O     1 
HETATM 491 O  O     A HOH G 3 .  ? -1.148  5.590   22.642  0.50 24.26 ? 173 HOH A O     1 
HETATM 492 O  O     B HOH G 3 .  ? 0.215   4.976   23.950  0.50 46.48 ? 173 HOH A O     1 
HETATM 493 O  O     . HOH G 3 .  ? 0.349   -9.096  -2.033  1.00 49.01 ? 176 HOH A O     1 
HETATM 494 O  O     . HOH G 3 .  ? 8.417   -1.068  -10.941 1.00 48.35 ? 178 HOH A O     1 
HETATM 495 O  O     . HOH G 3 .  ? 8.575   2.047   -6.161  1.00 43.00 ? 183 HOH A O     1 
HETATM 496 O  O     . HOH G 3 .  ? -8.452  4.046   -5.039  1.00 31.70 ? 187 HOH A O     1 
HETATM 497 O  O     . HOH G 3 .  ? -3.666  -6.621  -9.379  1.00 59.65 ? 188 HOH A O     1 
HETATM 498 O  O     . HOH G 3 .  ? -6.537  4.700   -3.588  1.00 45.66 ? 196 HOH A O     1 
HETATM 499 O  O     . HOH G 3 .  ? 4.457   0.802   22.158  1.00 45.84 ? 197 HOH A O     1 
HETATM 500 O  O     . HOH G 3 .  ? 4.227   -2.013  6.455   1.00 43.54 ? 199 HOH A O     1 
HETATM 501 O  O     . HOH G 3 .  ? 6.720   8.115   -7.711  1.00 53.37 ? 200 HOH A O     1 
HETATM 502 O  O     . HOH G 3 .  ? -9.388  -1.711  -2.391  1.00 44.96 ? 203 HOH A O     1 
HETATM 503 O  O     . HOH G 3 .  ? 4.037   9.342   -6.016  1.00 53.63 ? 205 HOH A O     1 
HETATM 504 O  O     . HOH G 3 .  ? 0.418   7.774   -2.918  1.00 64.08 ? 211 HOH A O     1 
HETATM 505 O  O     . HOH G 3 .  ? -2.655  -8.094  -6.060  1.00 41.95 ? 213 HOH A O     1 
HETATM 506 O  O     A HOH G 3 .  ? 10.222  5.137   -8.016  0.50 44.17 ? 215 HOH A O     1 
HETATM 507 O  O     B HOH G 3 .  ? 9.644   3.248   -8.107  0.50 30.50 ? 215 HOH A O     1 
HETATM 508 O  O     . HOH G 3 .  ? 3.665   6.182   -5.002  1.00 56.85 ? 217 HOH A O     1 
HETATM 509 O  O     . HOH G 3 .  ? -7.329  -4.048  -9.507  1.00 53.41 ? 218 HOH A O     1 
HETATM 510 O  O     . HOH G 3 .  ? -4.894  -7.495  5.158   1.00 55.17 ? 221 HOH A O     1 
HETATM 511 O  O     . HOH G 3 .  ? -7.893  1.769   -0.085  1.00 52.45 ? 225 HOH A O     1 
HETATM 512 O  O     . HOH G 3 .  ? 6.107   0.973   14.681  1.00 42.37 ? 228 HOH A O     1 
HETATM 513 O  O     . HOH G 3 .  ? -8.931  0.466   -9.723  1.00 31.12 ? 233 HOH A O     1 
HETATM 514 O  O     . HOH G 3 .  ? -10.165 -3.236  -4.011  1.00 40.79 ? 237 HOH A O     1 
HETATM 515 O  O     . HOH G 3 .  ? -1.277  -9.612  -4.612  1.00 40.01 ? 239 HOH A O     1 
HETATM 516 O  O     A HOH G 3 .  ? -3.833  7.974   -2.539  0.50 34.07 ? 240 HOH A O     1 
HETATM 517 O  O     B HOH G 3 .  ? -2.734  6.682   -2.786  0.50 44.82 ? 240 HOH A O     1 
HETATM 518 O  O     . HOH G 3 .  ? 0.037   -11.506 -5.546  1.00 44.43 ? 241 HOH A O     1 
HETATM 519 O  O     . HOH G 3 .  ? -3.558  -7.985  7.955   1.00 52.87 ? 242 HOH A O     1 
HETATM 520 O  O     . HOH G 3 .  ? 8.590   4.246   13.573  0.33 68.63 ? 243 HOH A O     1 
HETATM 521 O  O     . HOH G 3 .  ? 8.793   -11.754 8.536   1.00 61.10 ? 246 HOH A O     1 
HETATM 522 O  O     . HOH G 3 .  ? -5.299  -10.701 -8.266  1.00 68.46 ? 248 HOH A O     1 
HETATM 523 O  O     . HOH G 3 .  ? -5.269  -12.409 -5.478  1.00 55.20 ? 249 HOH A O     1 
HETATM 524 O  O     . HOH G 3 .  ? -4.390  -14.430 -4.008  1.00 67.04 ? 250 HOH A O     1 
HETATM 525 O  O     . HOH G 3 .  ? -5.790  -6.151  -12.807 1.00 57.76 ? 256 HOH A O     1 
HETATM 526 O  O     . HOH G 3 .  ? -7.656  5.743   0.817   1.00 52.13 ? 260 HOH A O     1 
HETATM 527 O  O     . HOH G 3 .  ? 11.174  10.949  -9.884  1.00 66.52 ? 263 HOH A O     1 
HETATM 528 O  O     . HOH G 3 .  ? -5.810  -7.092  -15.978 1.00 54.49 ? 264 HOH A O     1 
HETATM 529 O  O     . HOH G 3 .  ? -6.164  7.495   -0.104  1.00 52.43 ? 265 HOH A O     1 
HETATM 530 O  O     . HOH G 3 .  ? 8.188   1.602   12.923  1.00 63.51 ? 267 HOH A O     1 
HETATM 531 O  O     . HOH G 3 .  ? 5.761   -8.698  5.729   1.00 55.53 ? 268 HOH A O     1 
HETATM 532 O  O     . HOH G 3 .  ? 13.371  13.650  -9.903  1.00 60.62 ? 272 HOH A O     1 
HETATM 533 O  O     . HOH G 3 .  ? 4.597   3.001   18.840  1.00 52.81 ? 274 HOH A O     1 
HETATM 534 O  O     . HOH G 3 .  ? -12.981 -4.094  -7.645  1.00 64.46 ? 275 HOH A O     1 
HETATM 535 O  O     . HOH G 3 .  ? 9.211   13.704  -10.502 1.00 48.49 ? 276 HOH A O     1 
HETATM 536 O  O     . HOH G 3 .  ? 11.773  15.237  -7.697  1.00 59.79 ? 277 HOH A O     1 
HETATM 537 O  O     . HOH G 3 .  ? -8.054  -7.059  -15.256 1.00 61.26 ? 279 HOH A O     1 
HETATM 538 O  O     . HOH G 3 .  ? -9.483  -5.023  -6.485  1.00 45.25 ? 280 HOH A O     1 
HETATM 539 O  O     . HOH G 3 .  ? -8.869  -2.770  1.589   1.00 51.54 ? 284 HOH A O     1 
HETATM 540 O  O     . HOH G 3 .  ? -0.076  8.621   -5.155  1.00 56.16 ? 291 HOH A O     1 
HETATM 541 O  O     . HOH G 3 .  ? 10.403  15.680  -10.138 1.00 59.25 ? 294 HOH A O     1 
HETATM 542 O  O     . HOH G 3 .  ? 12.448  0.807   -11.860 1.00 59.30 ? 299 HOH A O     1 
HETATM 543 O  O     . HOH G 3 .  ? -10.164 -2.448  -6.794  1.00 58.35 ? 302 HOH A O     1 
HETATM 544 O  O     . HOH G 3 .  ? 11.095  -8.969  6.277   1.00 67.26 ? 303 HOH A O     1 
HETATM 545 O  O     . HOH G 3 .  ? 8.060   -10.393 6.669   1.00 63.13 ? 304 HOH A O     1 
HETATM 546 O  O     . HOH G 3 .  ? 13.924  11.498  -12.306 1.00 42.91 ? 305 HOH A O     1 
HETATM 547 O  O     . HOH H 3 .  ? -3.168  3.996   -20.719 1.00 35.69 ? 102 HOH B O     1 
HETATM 548 O  O     . HOH H 3 .  ? -4.598  -2.496  -18.175 1.00 43.83 ? 106 HOH B O     1 
HETATM 549 O  O     . HOH H 3 .  ? -0.326  -2.694  -9.940  1.00 26.19 ? 113 HOH B O     1 
HETATM 550 O  O     . HOH H 3 .  ? 0.054   -0.993  -13.107 1.00 24.84 ? 123 HOH B O     1 
HETATM 551 O  O     . HOH H 3 .  ? -0.154  -4.311  -3.937  1.00 33.72 ? 126 HOH B O     1 
HETATM 552 O  O     . HOH H 3 .  ? 6.403   -4.825  -13.503 1.00 30.53 ? 130 HOH B O     1 
HETATM 553 O  O     . HOH H 3 .  ? 0.826   -6.413  -1.756  1.00 52.18 ? 132 HOH B O     1 
HETATM 554 O  O     . HOH H 3 .  ? 3.096   -7.459  -16.291 1.00 29.63 ? 139 HOH B O     1 
HETATM 555 O  O     . HOH H 3 .  ? 8.217   -0.338  -6.148  1.00 38.05 ? 153 HOH B O     1 
HETATM 556 O  O     . HOH H 3 .  ? -2.044  -8.629  -13.852 1.00 56.36 ? 155 HOH B O     1 
HETATM 557 O  O     . HOH H 3 .  ? -4.576  3.661   2.638   1.00 50.15 ? 156 HOH B O     1 
HETATM 558 O  O     . HOH H 3 .  ? -0.247  4.157   -22.539 1.00 39.19 ? 157 HOH B O     1 
HETATM 559 O  O     . HOH H 3 .  ? -12.255 6.900   14.034  1.00 41.84 ? 160 HOH B O     1 
HETATM 560 O  O     . HOH H 3 .  ? 7.139   -4.344  -9.032  1.00 37.33 ? 163 HOH B O     1 
HETATM 561 O  O     . HOH H 3 .  ? 3.488   -4.891  3.370   0.50 39.06 ? 170 HOH B O     1 
HETATM 562 O  O     A HOH H 3 .  ? 0.229   -8.341  -21.950 0.50 37.73 ? 171 HOH B O     1 
HETATM 563 O  O     B HOH H 3 .  ? -0.881  -10.174 -22.092 0.50 37.03 ? 171 HOH B O     1 
HETATM 564 O  O     . HOH H 3 .  ? 3.920   -8.903  -13.933 1.00 56.76 ? 175 HOH B O     1 
HETATM 565 O  O     . HOH H 3 .  ? -8.648  -4.579  11.293  1.00 42.35 ? 177 HOH B O     1 
HETATM 566 O  O     . HOH H 3 .  ? -6.626  -0.705  5.098   1.00 47.62 ? 182 HOH B O     1 
HETATM 567 O  O     . HOH H 3 .  ? -14.099 -0.165  8.564   1.00 66.80 ? 184 HOH B O     1 
HETATM 568 O  O     . HOH H 3 .  ? 2.872   1.429   12.200  1.00 43.82 ? 186 HOH B O     1 
HETATM 569 O  O     . HOH H 3 .  ? -4.786  8.090   3.966   1.00 46.42 ? 195 HOH B O     1 
HETATM 570 O  O     . HOH H 3 .  ? -0.697  1.406   -25.392 1.00 61.36 ? 202 HOH B O     1 
HETATM 571 O  O     A HOH H 3 .  ? 5.962   3.368   -3.548  0.50 26.22 ? 207 HOH B O     1 
HETATM 572 O  O     B HOH H 3 .  ? 5.151   3.794   -5.333  0.50 34.83 ? 207 HOH B O     1 
HETATM 573 O  O     . HOH H 3 .  ? 4.664   -7.400  3.498   1.00 54.80 ? 214 HOH B O     1 
HETATM 574 O  O     A HOH H 3 .  ? -1.655  4.972   0.618   0.50 27.12 ? 222 HOH B O     1 
HETATM 575 O  O     B HOH H 3 .  ? -2.458  4.531   -1.192  0.50 24.72 ? 222 HOH B O     1 
HETATM 576 O  O     . HOH H 3 .  ? 4.692   8.699   8.988   1.00 66.69 ? 230 HOH B O     1 
HETATM 577 O  O     . HOH H 3 .  ? 8.387   -3.862  -3.474  1.00 44.56 ? 231 HOH B O     1 
HETATM 578 O  O     . HOH H 3 .  ? 8.255   0.941   0.469   1.00 48.74 ? 232 HOH B O     1 
HETATM 579 O  O     . HOH H 3 .  ? -11.926 -6.160  6.774   1.00 48.43 ? 234 HOH B O     1 
HETATM 580 O  O     . HOH H 3 .  ? -7.264  -4.940  14.640  1.00 37.84 ? 235 HOH B O     1 
HETATM 581 O  O     . HOH H 3 .  ? -6.192  11.405  7.346   1.00 44.09 ? 236 HOH B O     1 
HETATM 582 O  O     . HOH H 3 .  ? 8.036   4.989   9.219   1.00 54.88 ? 238 HOH B O     1 
HETATM 583 O  O     . HOH H 3 .  ? 8.295   4.261   2.937   1.00 47.74 ? 244 HOH B O     1 
HETATM 584 O  O     . HOH H 3 .  ? 5.025   -7.964  -9.832  1.00 64.84 ? 245 HOH B O     1 
HETATM 585 O  O     . HOH H 3 .  ? -11.532 -8.270  11.655  1.00 66.34 ? 252 HOH B O     1 
HETATM 586 O  O     . HOH H 3 .  ? 2.255   4.911   -1.492  1.00 62.45 ? 253 HOH B O     1 
HETATM 587 O  O     . HOH H 3 .  ? -3.047  -6.853  -21.661 1.00 59.88 ? 254 HOH B O     1 
HETATM 588 O  O     . HOH H 3 .  ? -16.660 2.600   13.152  1.00 64.71 ? 255 HOH B O     1 
HETATM 589 O  O     . HOH H 3 .  ? 11.816  -2.225  4.185   1.00 47.04 ? 257 HOH B O     1 
HETATM 590 O  O     . HOH H 3 .  ? -2.469  13.892  9.957   1.00 62.12 ? 258 HOH B O     1 
HETATM 591 O  O     . HOH H 3 .  ? 10.812  6.077   3.603   1.00 62.90 ? 259 HOH B O     1 
HETATM 592 O  O     . HOH H 3 .  ? -17.252 0.263   13.919  1.00 62.19 ? 262 HOH B O     1 
HETATM 593 O  O     . HOH H 3 .  ? -0.821  10.820  10.659  1.00 50.08 ? 266 HOH B O     1 
HETATM 594 O  O     . HOH H 3 .  ? 8.355   -8.411  3.629   1.00 53.00 ? 269 HOH B O     1 
HETATM 595 O  O     . HOH H 3 .  ? 1.560   11.943  8.619   1.00 51.00 ? 270 HOH B O     1 
HETATM 596 O  O     . HOH H 3 .  ? 9.867   3.538   6.666   1.00 66.59 ? 271 HOH B O     1 
HETATM 597 O  O     . HOH H 3 .  ? 9.794   7.358   -3.943  0.50 50.85 ? 278 HOH B O     1 
HETATM 598 O  O     . HOH H 3 .  ? 6.705   10.209  10.843  0.50 49.78 ? 281 HOH B O     1 
HETATM 599 O  O     . HOH H 3 .  ? 1.237   2.752   10.663  1.00 44.36 ? 282 HOH B O     1 
HETATM 600 O  O     . HOH H 3 .  ? 4.560   3.274   10.244  1.00 40.04 ? 283 HOH B O     1 
HETATM 601 O  O     . HOH H 3 .  ? 0.834   5.658   1.388   1.00 63.90 ? 286 HOH B O     1 
HETATM 602 O  O     . HOH H 3 .  ? 8.135   3.112   -1.540  1.00 40.93 ? 287 HOH B O     1 
HETATM 603 O  O     . HOH H 3 .  ? 9.904   -1.416  -3.662  1.00 51.98 ? 288 HOH B O     1 
HETATM 604 O  O     . HOH H 3 .  ? 9.894   2.427   -3.388  1.00 46.78 ? 289 HOH B O     1 
HETATM 605 O  O     . HOH H 3 .  ? -6.872  6.800   4.597   1.00 58.41 ? 290 HOH B O     1 
HETATM 606 O  O     . HOH H 3 .  ? 12.719  3.206   -4.911  1.00 48.93 ? 292 HOH B O     1 
HETATM 607 O  O     . HOH H 3 .  ? 11.494  5.955   -4.683  1.00 66.18 ? 295 HOH B O     1 
HETATM 608 O  O     . HOH H 3 .  ? -3.110  14.030  12.806  0.50 50.38 ? 297 HOH B O     1 
HETATM 609 O  O     . HOH H 3 .  ? -10.683 -6.581  9.979   0.50 52.42 ? 306 HOH B O     1 
HETATM 610 O  O     . HOH H 3 .  ? -8.185  -8.140  8.547   1.00 64.52 ? 307 HOH B O     1 
HETATM 611 O  O     . HOH H 3 .  ? -1.112  -6.104  -22.969 1.00 65.31 ? 308 HOH B O     1 
# 
